data_1T9U
#
_entry.id   1T9U
#
_cell.length_a   144.087
_cell.length_b   144.087
_cell.length_c   518.804
_cell.angle_alpha   90.00
_cell.angle_beta   90.00
_cell.angle_gamma   120.00
#
_symmetry.space_group_name_H-M   'H 3 2'
#
loop_
_entity.id
_entity.type
_entity.pdbx_description
1 polymer 'Acriflavine resistance protein B'
2 non-polymer '1-CYCLOPROPYL-6-FLUORO-4-OXO-7-PIPERAZIN-1-YL-1,4-DIHYDROQUINOLINE-3-CARBOXYLIC ACID'
#
_entity_poly.entity_id   1
_entity_poly.type   'polypeptide(L)'
_entity_poly.pdbx_seq_one_letter_code
;MPNFFIDRPIFAWVIAIIIMLAGGLAILKLPVAQYPTIAPPAVTISASYPGADAKTVQDTVTQVIEQNMNGIDNLMYMSS
NSDSTGTVQITLTFESGTDADIAQVQVQAKLQLAMPLLPQEVQQQGVSVEKSSSSFLMVVGVINTDGTMTQEDISDYVAA
NMKDAISRTSGVGDVQLFGSQYAMRIWMNPNELNKFQLTPVDVITAIKAQNAQVAAGQLGGTPPVKGQQLNASIIAQTRL
TSTEEFGKILLKVNQDGSRVLLRDVAKIELGGENYDIIAEFNGQPASGLGIKLATGANALDTAAAIRAELAKMEPFFPSG
LKIVYPYDTTPFVKISIHEVVKTLVEAIILVFLVMYLFLQNFRATLIPTIAVPVVLLGTFAVLAAFGFSINTLTMFGMVL
AIGLLVDDAIVVVENVERVMAEEGLPPKEATRKSMGQIQGALVGIAMVLSAVFVPMAFFGGSTGAIYRQFSITIVSAMAL
SVLVALILTPALCATMLKPIAKGDHGEGKKGFFGWFNRMFEKSTHHYTDSVGGILRSTGRYLVLYLIIVVGMAYLFVRLP
SSFLPDEDQGVFMTMVQLPAGATQERTQKVLNEVTHYYLTKEKNNVESVFAVNGFGFAGRGQNTGIAFVSLKDWADRPGE
ENKVEAITMRATRAFSQIKDAMVFAFNLPAIVELGTATGFDFELIDQAGLGHEKLTQARNQLLAEAAKHPDMLTSVRPNG
LEDTPQFKIDIDQEKAQALGVSINDINTTLGAAWGGSYVNDFIDRGRVKKVYVMSEAKYRMLPDDIGDWYVRAADGQMVP
FSAFSSSRWEYGSPRLERYNGLPSMEILGQAAPGKSTGEAMELMEQLASKLPTGVGYDWTGMSYQERLSGNQAPSLYAIS
LIVVFLCLAALYESWSIPFSVMLVVPLGVIGALLAATFRGLTNDVYFQVGLLTTIGLSAKNAILIVEFAKDLMDKEGKGL
IEATLDAVRMRLRPILMTSLAFILGVMPLVISTGAGSGAQNAVGTGVMGGMVTATVLAIFFVPVFFVVVRRRFSRKNEDI
EHSHTVDHH
;
_entity_poly.pdbx_strand_id   A
#
loop_
_chem_comp.id
_chem_comp.type
_chem_comp.name
_chem_comp.formula
CPF non-polymer '1-CYCLOPROPYL-6-FLUORO-4-OXO-7-PIPERAZIN-1-YL-1,4-DIHYDROQUINOLINE-3-CARBOXYLIC ACID' 'C17 H18 F N3 O3'
#
# COMPACT_ATOMS: atom_id res chain seq x y z
N ASP A 7 -41.39 -2.44 -26.08
CA ASP A 7 -41.62 -1.40 -27.13
C ASP A 7 -40.96 -1.85 -28.46
N ARG A 8 -40.16 -0.99 -29.08
CA ARG A 8 -39.53 -1.30 -30.36
C ARG A 8 -38.10 -1.82 -30.13
N PRO A 9 -37.67 -2.79 -30.94
CA PRO A 9 -36.32 -3.39 -30.77
C PRO A 9 -35.17 -2.46 -31.15
N ILE A 10 -34.84 -2.35 -32.44
CA ILE A 10 -33.77 -1.49 -32.95
C ILE A 10 -33.32 -0.31 -32.06
N PHE A 11 -34.19 0.70 -31.87
CA PHE A 11 -33.79 1.95 -31.21
C PHE A 11 -33.10 1.68 -29.87
N ALA A 12 -33.61 0.69 -29.14
CA ALA A 12 -33.01 0.24 -27.88
C ALA A 12 -31.69 -0.52 -28.09
N TRP A 13 -31.68 -1.45 -29.04
CA TRP A 13 -30.47 -2.23 -29.37
C TRP A 13 -29.29 -1.36 -29.82
N VAL A 14 -29.60 -0.22 -30.45
CA VAL A 14 -28.59 0.75 -30.87
C VAL A 14 -27.97 1.42 -29.65
N ILE A 15 -28.80 1.72 -28.64
CA ILE A 15 -28.34 2.27 -27.37
C ILE A 15 -27.40 1.30 -26.64
N ALA A 16 -27.69 0.00 -26.72
CA ALA A 16 -26.89 -1.02 -26.06
C ALA A 16 -25.53 -1.21 -26.73
N ILE A 17 -25.46 -0.95 -28.03
CA ILE A 17 -24.22 -1.11 -28.80
C ILE A 17 -23.27 0.09 -28.62
N ILE A 18 -23.79 1.22 -28.15
CA ILE A 18 -22.95 2.33 -27.69
C ILE A 18 -22.13 1.84 -26.50
N ILE A 19 -22.79 1.11 -25.62
CA ILE A 19 -22.17 0.59 -24.41
C ILE A 19 -21.21 -0.58 -24.72
N MET A 20 -21.48 -1.32 -25.81
CA MET A 20 -20.56 -2.35 -26.30
C MET A 20 -19.21 -1.73 -26.63
N LEU A 21 -19.25 -0.53 -27.20
CA LEU A 21 -18.06 0.28 -27.41
C LEU A 21 -17.73 1.01 -26.10
N ALA A 22 -17.89 2.34 -26.04
CA ALA A 22 -17.72 3.14 -24.82
C ALA A 22 -17.12 2.44 -23.59
N GLY A 23 -17.82 1.45 -23.06
CA GLY A 23 -17.33 0.64 -21.96
C GLY A 23 -16.05 -0.13 -22.25
N GLY A 24 -16.10 -0.99 -23.27
CA GLY A 24 -14.93 -1.69 -23.78
C GLY A 24 -13.80 -0.79 -24.26
N LEU A 25 -14.15 0.39 -24.76
CA LEU A 25 -13.17 1.39 -25.19
C LEU A 25 -12.40 1.93 -23.99
N ALA A 26 -13.10 2.11 -22.87
CA ALA A 26 -12.48 2.56 -21.63
C ALA A 26 -11.52 1.50 -21.07
N ILE A 27 -11.79 0.23 -21.35
CA ILE A 27 -10.91 -0.87 -20.94
C ILE A 27 -9.57 -0.81 -21.70
N LEU A 28 -9.62 -0.31 -22.94
CA LEU A 28 -8.41 -0.04 -23.73
C LEU A 28 -7.87 1.39 -23.48
N LYS A 29 -8.28 2.02 -22.38
CA LYS A 29 -7.94 3.42 -22.12
C LYS A 29 -8.12 3.89 -20.65
N LEU A 30 -8.06 2.97 -19.68
CA LEU A 30 -8.11 3.36 -18.27
C LEU A 30 -7.27 2.41 -17.40
N PRO A 31 -6.54 2.97 -16.43
CA PRO A 31 -5.52 2.21 -15.68
C PRO A 31 -6.01 0.86 -15.17
N VAL A 32 -5.21 -0.18 -15.38
CA VAL A 32 -5.56 -1.55 -14.97
C VAL A 32 -4.97 -1.91 -13.60
N ALA A 33 -4.43 -0.91 -12.90
CA ALA A 33 -3.53 -1.14 -11.77
C ALA A 33 -4.22 -1.25 -10.41
N GLN A 34 -3.88 -2.33 -9.69
CA GLN A 34 -4.09 -2.55 -8.25
C GLN A 34 -5.02 -1.60 -7.46
N TYR A 35 -5.05 -1.81 -6.15
CA TYR A 35 -5.60 -0.84 -5.19
C TYR A 35 -5.30 0.60 -5.62
N PRO A 36 -6.28 1.50 -5.51
CA PRO A 36 -6.08 2.90 -5.86
C PRO A 36 -5.31 3.63 -4.75
N THR A 37 -5.09 4.94 -4.92
CA THR A 37 -4.41 5.73 -3.89
C THR A 37 -5.27 5.84 -2.65
N ILE A 38 -4.64 5.69 -1.48
CA ILE A 38 -5.37 5.69 -0.19
C ILE A 38 -4.64 6.42 0.93
N ALA A 39 -3.34 6.21 1.04
CA ALA A 39 -2.54 6.89 2.06
C ALA A 39 -2.56 8.39 1.78
N PRO A 40 -2.84 9.21 2.79
CA PRO A 40 -2.78 10.67 2.63
C PRO A 40 -1.38 11.07 2.14
N PRO A 41 -1.27 11.69 0.97
CA PRO A 41 0.01 11.77 0.26
C PRO A 41 1.03 12.63 0.98
N ALA A 42 2.29 12.18 1.01
CA ALA A 42 3.32 12.84 1.80
C ALA A 42 4.64 12.97 1.05
N VAL A 43 5.39 14.00 1.42
CA VAL A 43 6.67 14.35 0.81
C VAL A 43 7.79 14.05 1.81
N THR A 44 8.99 13.80 1.30
CA THR A 44 10.12 13.42 2.16
C THR A 44 11.40 14.18 1.82
N ILE A 45 11.89 14.95 2.79
CA ILE A 45 13.17 15.63 2.68
C ILE A 45 14.25 14.63 3.05
N SER A 46 15.48 14.83 2.55
CA SER A 46 16.57 13.88 2.79
C SER A 46 17.95 14.47 2.49
N ALA A 47 18.64 14.89 3.55
CA ALA A 47 20.01 15.39 3.44
C ALA A 47 21.01 14.32 3.91
N SER A 48 22.30 14.63 3.84
CA SER A 48 23.34 13.71 4.28
C SER A 48 24.64 14.45 4.62
N TYR A 49 25.05 14.35 5.89
CA TYR A 49 26.31 14.90 6.36
C TYR A 49 27.28 13.72 6.58
N PRO A 50 28.17 13.47 5.62
CA PRO A 50 29.00 12.26 5.65
C PRO A 50 30.02 12.25 6.79
N GLY A 51 29.92 11.22 7.65
CA GLY A 51 30.79 11.09 8.81
C GLY A 51 30.10 11.50 10.10
N ALA A 52 29.31 12.58 10.03
CA ALA A 52 28.64 13.16 11.20
C ALA A 52 27.91 12.12 12.05
N ASP A 53 28.02 12.28 13.37
CA ASP A 53 27.33 11.41 14.33
C ASP A 53 25.88 11.85 14.51
N ALA A 54 25.14 11.15 15.37
CA ALA A 54 23.70 11.37 15.51
C ALA A 54 23.32 12.76 16.04
N LYS A 55 24.09 13.27 16.99
CA LYS A 55 23.81 14.60 17.56
C LYS A 55 24.24 15.72 16.61
N THR A 56 25.30 15.46 15.83
CA THR A 56 25.83 16.45 14.90
C THR A 56 24.79 16.84 13.85
N VAL A 57 24.24 15.84 13.16
CA VAL A 57 23.20 16.06 12.17
C VAL A 57 21.90 16.59 12.79
N GLN A 58 21.65 16.25 14.05
CA GLN A 58 20.39 16.60 14.70
C GLN A 58 20.11 18.10 14.81
N ASP A 59 21.17 18.92 14.93
CA ASP A 59 21.00 20.37 15.05
C ASP A 59 21.74 21.22 14.01
N THR A 60 22.50 20.58 13.11
CA THR A 60 23.18 21.29 12.04
C THR A 60 22.42 21.21 10.72
N VAL A 61 21.65 20.13 10.54
CA VAL A 61 20.80 19.96 9.37
C VAL A 61 19.32 19.87 9.78
N THR A 62 19.00 18.84 10.56
CA THR A 62 17.62 18.54 10.95
C THR A 62 16.89 19.74 11.53
N GLN A 63 17.38 20.25 12.65
CA GLN A 63 16.69 21.33 13.37
C GLN A 63 16.53 22.60 12.55
N VAL A 64 17.56 22.95 11.79
CA VAL A 64 17.54 24.15 10.94
C VAL A 64 16.35 24.12 9.97
N ILE A 65 16.14 22.96 9.34
CA ILE A 65 15.04 22.77 8.41
C ILE A 65 13.68 22.80 9.11
N GLU A 66 13.62 22.27 10.34
CA GLU A 66 12.37 22.16 11.08
C GLU A 66 11.81 23.49 11.57
N GLN A 67 12.68 24.45 11.89
CA GLN A 67 12.26 25.82 12.22
C GLN A 67 12.32 26.71 10.98
N ASN A 68 12.12 26.09 9.83
CA ASN A 68 12.00 26.78 8.55
C ASN A 68 11.12 25.97 7.58
N MET A 69 10.16 25.23 8.15
CA MET A 69 9.27 24.34 7.40
C MET A 69 7.83 24.80 7.63
N ASN A 70 7.61 26.12 7.56
CA ASN A 70 6.32 26.72 7.91
C ASN A 70 5.74 27.53 6.77
N GLY A 71 4.51 28.02 6.98
CA GLY A 71 3.79 28.77 5.96
C GLY A 71 3.39 27.92 4.77
N ILE A 72 3.03 26.66 5.05
CA ILE A 72 2.68 25.70 4.01
C ILE A 72 1.20 25.36 4.09
N ASP A 73 0.54 25.28 2.93
CA ASP A 73 -0.87 24.94 2.86
C ASP A 73 -1.08 23.46 3.12
N ASN A 74 -2.01 23.14 4.02
CA ASN A 74 -2.31 21.76 4.44
C ASN A 74 -1.13 21.09 5.16
N LEU A 75 -1.39 20.57 6.36
CA LEU A 75 -0.38 19.83 7.14
C LEU A 75 -0.99 19.23 8.41
N MET A 76 -0.90 17.90 8.53
CA MET A 76 -1.37 17.21 9.73
C MET A 76 -0.25 17.15 10.76
N TYR A 77 0.93 16.73 10.33
CA TYR A 77 2.09 16.62 11.23
C TYR A 77 3.42 16.59 10.48
N MET A 78 4.50 16.61 11.27
CA MET A 78 5.86 16.44 10.76
C MET A 78 6.63 15.50 11.69
N SER A 79 7.32 14.51 11.10
CA SER A 79 8.18 13.59 11.86
C SER A 79 9.59 13.64 11.30
N SER A 80 10.53 12.99 11.99
CA SER A 80 11.94 13.01 11.55
C SER A 80 12.80 11.90 12.15
N ASN A 81 13.86 11.55 11.42
CA ASN A 81 14.91 10.66 11.90
C ASN A 81 16.27 11.33 11.73
N SER A 82 17.23 10.96 12.56
CA SER A 82 18.60 11.46 12.45
C SER A 82 19.60 10.39 12.92
N ASP A 83 20.11 9.62 11.97
CA ASP A 83 20.96 8.47 12.26
C ASP A 83 22.40 8.87 12.57
N SER A 84 23.14 7.93 13.16
CA SER A 84 24.57 8.10 13.43
C SER A 84 25.42 7.93 12.17
N THR A 85 24.80 7.48 11.08
CA THR A 85 25.49 7.32 9.79
C THR A 85 25.48 8.62 8.98
N GLY A 86 25.14 9.73 9.61
CA GLY A 86 25.12 11.02 8.95
C GLY A 86 24.03 11.12 7.89
N THR A 87 22.79 10.88 8.30
CA THR A 87 21.65 10.90 7.38
C THR A 87 20.36 11.31 8.09
N VAL A 88 19.71 12.33 7.56
CA VAL A 88 18.45 12.86 8.11
C VAL A 88 17.34 12.76 7.05
N GLN A 89 16.10 12.55 7.50
CA GLN A 89 14.97 12.40 6.59
C GLN A 89 13.64 12.75 7.27
N ILE A 90 12.97 13.80 6.77
CA ILE A 90 11.74 14.33 7.36
C ILE A 90 10.54 13.93 6.50
N THR A 91 9.43 13.58 7.14
CA THR A 91 8.16 13.36 6.44
C THR A 91 7.14 14.42 6.84
N LEU A 92 6.73 15.24 5.87
CA LEU A 92 5.60 16.15 6.05
C LEU A 92 4.36 15.51 5.44
N THR A 93 3.53 14.90 6.27
CA THR A 93 2.29 14.27 5.80
C THR A 93 1.18 15.31 5.70
N PHE A 94 0.41 15.23 4.63
CA PHE A 94 -0.66 16.18 4.34
C PHE A 94 -2.02 15.52 4.56
N GLU A 95 -3.10 16.23 4.24
CA GLU A 95 -4.45 15.67 4.35
C GLU A 95 -4.67 14.56 3.31
N SER A 96 -5.86 13.97 3.32
CA SER A 96 -6.21 12.96 2.33
C SER A 96 -6.23 13.58 0.93
N GLY A 97 -5.57 12.92 -0.02
CA GLY A 97 -5.36 13.42 -1.36
C GLY A 97 -5.16 14.92 -1.52
N THR A 98 -4.26 15.48 -0.72
CA THR A 98 -3.76 16.83 -0.99
C THR A 98 -2.87 16.69 -2.22
N ASP A 99 -2.99 17.63 -3.15
CA ASP A 99 -2.28 17.52 -4.42
C ASP A 99 -0.77 17.47 -4.17
N ALA A 100 -0.15 16.33 -4.50
CA ALA A 100 1.26 16.09 -4.22
C ALA A 100 2.20 16.85 -5.16
N ASP A 101 1.66 17.30 -6.29
CA ASP A 101 2.45 18.08 -7.26
C ASP A 101 2.82 19.47 -6.73
N ILE A 102 1.96 20.04 -5.89
CA ILE A 102 2.17 21.39 -5.33
C ILE A 102 2.66 21.32 -3.88
N ALA A 103 2.18 20.34 -3.13
CA ALA A 103 2.61 20.12 -1.75
C ALA A 103 4.10 19.79 -1.64
N GLN A 104 4.63 19.11 -2.66
CA GLN A 104 6.06 18.82 -2.77
C GLN A 104 6.86 20.11 -2.98
N VAL A 105 6.33 20.98 -3.84
CA VAL A 105 6.98 22.22 -4.22
C VAL A 105 7.05 23.23 -3.07
N GLN A 106 5.91 23.44 -2.41
CA GLN A 106 5.82 24.31 -1.23
C GLN A 106 6.84 23.92 -0.17
N VAL A 107 7.02 22.62 0.03
CA VAL A 107 7.97 22.09 1.01
C VAL A 107 9.42 22.36 0.60
N GLN A 108 9.71 22.22 -0.69
CA GLN A 108 11.08 22.38 -1.19
C GLN A 108 11.39 23.81 -1.63
N ALA A 109 10.47 24.72 -1.28
CA ALA A 109 10.60 26.15 -1.56
C ALA A 109 10.43 26.85 -0.21
N LYS A 110 11.32 26.48 0.70
CA LYS A 110 11.17 26.71 2.14
C LYS A 110 12.36 26.06 2.83
N LEU A 111 12.71 24.86 2.36
CA LEU A 111 14.02 24.25 2.61
C LEU A 111 15.11 25.15 2.03
N GLN A 112 14.84 25.73 0.86
CA GLN A 112 15.76 26.64 0.16
C GLN A 112 16.16 27.87 0.97
N LEU A 113 15.27 28.34 1.85
CA LEU A 113 15.58 29.51 2.71
C LEU A 113 16.48 29.14 3.89
N ALA A 114 16.77 27.85 4.04
CA ALA A 114 17.58 27.32 5.14
C ALA A 114 18.82 26.57 4.66
N MET A 115 19.06 26.52 3.35
CA MET A 115 20.26 25.86 2.79
C MET A 115 21.57 26.58 3.17
N PRO A 116 21.58 27.91 3.13
CA PRO A 116 22.75 28.68 3.59
C PRO A 116 23.12 28.53 5.07
N LEU A 117 22.20 28.07 5.92
CA LEU A 117 22.49 27.90 7.36
C LEU A 117 22.93 26.47 7.70
N LEU A 118 23.23 25.67 6.69
CA LEU A 118 23.74 24.31 6.87
C LEU A 118 25.23 24.29 6.54
N PRO A 119 25.94 23.23 6.94
CA PRO A 119 27.35 23.05 6.54
C PRO A 119 27.52 23.04 5.02
N GLN A 120 28.71 23.41 4.55
CA GLN A 120 29.05 23.32 3.13
C GLN A 120 29.24 21.86 2.68
N GLU A 121 29.38 20.95 3.65
CA GLU A 121 29.44 19.53 3.38
C GLU A 121 28.08 18.99 2.94
N VAL A 122 27.01 19.48 3.59
CA VAL A 122 25.65 19.04 3.30
C VAL A 122 25.07 19.68 2.04
N GLN A 123 25.50 20.91 1.74
CA GLN A 123 25.07 21.62 0.54
C GLN A 123 25.55 20.91 -0.73
N GLN A 124 26.81 20.51 -0.73
CA GLN A 124 27.42 19.81 -1.87
C GLN A 124 27.07 18.31 -1.90
N GLN A 125 26.40 17.82 -0.86
CA GLN A 125 25.85 16.46 -0.84
C GLN A 125 24.40 16.48 -1.33
N GLY A 126 23.82 15.31 -1.49
CA GLY A 126 22.49 15.18 -2.05
C GLY A 126 21.36 15.56 -1.11
N VAL A 127 20.83 16.77 -1.28
CA VAL A 127 19.59 17.18 -0.63
C VAL A 127 18.46 16.87 -1.61
N SER A 128 17.30 16.47 -1.11
CA SER A 128 16.22 16.02 -1.99
C SER A 128 14.83 16.19 -1.38
N VAL A 129 13.86 16.48 -2.23
CA VAL A 129 12.45 16.51 -1.84
C VAL A 129 11.66 15.71 -2.87
N GLU A 130 11.17 14.55 -2.46
CA GLU A 130 10.63 13.54 -3.37
C GLU A 130 9.28 12.98 -2.90
N LYS A 131 8.54 12.40 -3.83
CA LYS A 131 7.25 11.79 -3.53
C LYS A 131 7.44 10.35 -3.07
N SER A 132 6.92 10.03 -1.89
CA SER A 132 7.21 8.76 -1.21
C SER A 132 6.05 7.76 -1.23
N SER A 133 6.37 6.50 -0.99
CA SER A 133 5.39 5.42 -0.93
C SER A 133 5.94 4.22 -0.17
N SER A 134 6.32 4.46 1.09
CA SER A 134 6.97 3.46 1.96
C SER A 134 6.72 2.00 1.55
N SER A 135 7.47 1.55 0.52
CA SER A 135 7.31 0.23 -0.11
C SER A 135 7.88 0.26 -1.52
N PHE A 136 8.49 -0.85 -1.94
CA PHE A 136 8.95 -1.01 -3.32
C PHE A 136 7.88 -1.76 -4.12
N LEU A 137 8.12 -1.91 -5.43
CA LEU A 137 7.27 -2.72 -6.30
C LEU A 137 8.13 -3.57 -7.23
N MET A 138 8.67 -2.94 -8.28
CA MET A 138 9.67 -3.60 -9.12
C MET A 138 11.03 -3.49 -8.45
N VAL A 139 11.74 -4.61 -8.34
CA VAL A 139 13.11 -4.63 -7.86
C VAL A 139 13.96 -5.45 -8.82
N VAL A 140 14.57 -4.77 -9.79
CA VAL A 140 15.34 -5.42 -10.85
C VAL A 140 16.76 -5.74 -10.37
N GLY A 141 16.99 -7.01 -10.02
CA GLY A 141 18.33 -7.47 -9.68
C GLY A 141 19.23 -7.52 -10.89
N VAL A 142 20.54 -7.44 -10.66
CA VAL A 142 21.54 -7.46 -11.74
C VAL A 142 22.77 -8.26 -11.30
N ILE A 143 23.11 -9.29 -12.06
CA ILE A 143 24.22 -10.19 -11.73
C ILE A 143 25.12 -10.44 -12.94
N ASN A 144 26.16 -11.26 -12.74
CA ASN A 144 27.00 -11.72 -13.85
C ASN A 144 27.11 -13.25 -13.88
N THR A 145 27.25 -13.79 -15.09
CA THR A 145 27.32 -15.25 -15.29
C THR A 145 28.66 -15.70 -15.88
N ASP A 146 28.93 -15.32 -17.13
CA ASP A 146 30.12 -15.81 -17.86
C ASP A 146 31.39 -15.08 -17.43
N GLY A 147 31.58 -13.85 -17.93
CA GLY A 147 32.74 -13.05 -17.58
C GLY A 147 32.53 -12.41 -16.22
N THR A 148 32.81 -13.17 -15.16
CA THR A 148 32.39 -12.84 -13.81
C THR A 148 33.05 -11.57 -13.26
N MET A 149 32.24 -10.72 -12.65
CA MET A 149 32.72 -9.50 -11.99
C MET A 149 32.11 -9.36 -10.59
N THR A 150 32.55 -8.33 -9.85
CA THR A 150 32.31 -8.26 -8.40
C THR A 150 31.00 -7.55 -8.05
N GLN A 151 30.74 -7.43 -6.74
CA GLN A 151 29.59 -6.69 -6.22
C GLN A 151 30.02 -5.25 -5.95
N GLU A 152 30.32 -4.56 -7.03
CA GLU A 152 30.96 -3.23 -7.01
C GLU A 152 31.19 -2.79 -8.46
N ASP A 153 31.69 -3.71 -9.27
CA ASP A 153 31.75 -3.54 -10.73
C ASP A 153 30.34 -3.49 -11.32
N ILE A 154 29.45 -4.34 -10.81
CA ILE A 154 28.07 -4.40 -11.29
C ILE A 154 27.27 -3.20 -10.78
N SER A 155 27.56 -2.77 -9.55
CA SER A 155 26.81 -1.67 -8.94
C SER A 155 27.08 -0.33 -9.63
N ASP A 156 28.27 -0.17 -10.20
CA ASP A 156 28.63 1.03 -10.94
C ASP A 156 27.95 1.07 -12.31
N TYR A 157 27.94 -0.06 -13.00
CA TYR A 157 27.31 -0.16 -14.33
C TYR A 157 25.81 0.07 -14.25
N VAL A 158 25.20 -0.33 -13.13
CA VAL A 158 23.78 -0.09 -12.88
C VAL A 158 23.53 1.42 -12.75
N ALA A 159 24.42 2.11 -12.03
CA ALA A 159 24.27 3.53 -11.75
C ALA A 159 24.97 4.44 -12.77
N ALA A 160 25.44 3.88 -13.89
CA ALA A 160 26.13 4.65 -14.91
C ALA A 160 25.71 4.20 -16.31
N ASN A 161 24.39 4.10 -16.51
CA ASN A 161 23.80 3.63 -17.77
C ASN A 161 22.28 3.47 -17.68
N MET A 162 21.81 2.87 -16.59
CA MET A 162 20.39 2.49 -16.47
C MET A 162 19.65 3.04 -15.24
N LYS A 163 20.37 3.61 -14.26
CA LYS A 163 19.72 4.13 -13.06
C LYS A 163 19.07 5.48 -13.32
N ASP A 164 19.81 6.36 -14.02
CA ASP A 164 19.34 7.72 -14.29
C ASP A 164 18.13 7.73 -15.23
N ALA A 165 18.07 6.74 -16.11
CA ALA A 165 16.94 6.60 -17.03
C ALA A 165 15.67 6.13 -16.30
N ILE A 166 15.83 5.17 -15.40
CA ILE A 166 14.70 4.59 -14.65
C ILE A 166 13.99 5.63 -13.79
N SER A 167 14.75 6.40 -13.02
CA SER A 167 14.21 7.33 -12.03
C SER A 167 13.41 8.48 -12.64
N ARG A 168 13.72 8.84 -13.89
CA ARG A 168 12.99 9.90 -14.61
C ARG A 168 11.81 9.32 -15.39
N THR A 169 11.91 8.04 -15.75
CA THR A 169 10.87 7.36 -16.53
C THR A 169 9.56 7.22 -15.75
N SER A 170 8.45 7.20 -16.49
CA SER A 170 7.10 7.01 -15.94
C SER A 170 6.94 7.30 -14.45
N GLY A 171 7.11 8.57 -14.08
CA GLY A 171 6.90 9.04 -12.73
C GLY A 171 7.34 8.11 -11.61
N VAL A 172 8.65 7.91 -11.48
CA VAL A 172 9.22 7.20 -10.35
C VAL A 172 9.42 8.19 -9.22
N GLY A 173 9.07 7.78 -7.99
CA GLY A 173 9.25 8.63 -6.82
C GLY A 173 10.72 8.84 -6.53
N ASP A 174 11.35 7.82 -5.93
CA ASP A 174 12.80 7.81 -5.76
C ASP A 174 13.38 6.41 -6.01
N VAL A 175 14.66 6.38 -6.35
CA VAL A 175 15.37 5.12 -6.62
C VAL A 175 16.47 4.92 -5.58
N GLN A 176 16.50 3.73 -4.99
CA GLN A 176 17.55 3.37 -4.04
C GLN A 176 18.53 2.38 -4.69
N LEU A 177 19.76 2.84 -4.90
CA LEU A 177 20.83 1.98 -5.41
C LEU A 177 21.13 0.90 -4.37
N PHE A 178 21.32 -0.34 -4.84
CA PHE A 178 21.70 -1.44 -3.97
C PHE A 178 23.18 -1.74 -4.19
N GLY A 179 23.99 -0.76 -3.79
CA GLY A 179 25.43 -0.78 -4.00
C GLY A 179 25.94 0.64 -4.00
N SER A 180 26.86 0.95 -4.91
CA SER A 180 27.35 2.32 -5.07
C SER A 180 28.03 2.57 -6.42
N GLN A 181 27.78 3.75 -6.97
CA GLN A 181 28.45 4.19 -8.20
C GLN A 181 29.94 4.40 -7.93
N TYR A 182 30.77 4.12 -8.94
CA TYR A 182 32.22 4.25 -8.78
C TYR A 182 32.65 5.67 -8.44
N ALA A 183 33.84 5.76 -7.85
CA ALA A 183 34.40 7.03 -7.41
C ALA A 183 35.92 6.87 -7.24
N MET A 184 36.67 7.90 -7.60
CA MET A 184 38.12 7.87 -7.47
C MET A 184 38.51 7.83 -5.98
N ARG A 185 38.62 6.61 -5.45
CA ARG A 185 38.81 6.40 -4.02
C ARG A 185 40.29 6.45 -3.67
N ILE A 186 40.60 7.13 -2.56
CA ILE A 186 41.97 7.38 -2.15
C ILE A 186 42.14 7.02 -0.68
N TRP A 187 42.93 6.00 -0.41
CA TRP A 187 43.12 5.46 0.94
C TRP A 187 44.46 5.94 1.52
N MET A 188 44.42 7.06 2.25
CA MET A 188 45.62 7.69 2.79
C MET A 188 46.29 6.89 3.91
N ASN A 189 47.57 6.58 3.71
CA ASN A 189 48.41 5.93 4.72
C ASN A 189 49.07 7.00 5.61
N PRO A 190 48.83 6.97 6.91
CA PRO A 190 49.36 7.99 7.82
C PRO A 190 50.84 7.83 8.17
N ASN A 191 51.41 6.64 7.96
CA ASN A 191 52.84 6.41 8.20
C ASN A 191 53.69 6.96 7.07
N GLU A 192 53.22 6.80 5.83
CA GLU A 192 53.87 7.40 4.66
C GLU A 192 53.43 8.86 4.46
N LEU A 193 52.75 9.42 5.46
CA LEU A 193 52.32 10.82 5.47
C LEU A 193 53.26 11.62 6.38
N ASN A 194 53.57 11.05 7.54
CA ASN A 194 54.54 11.62 8.48
C ASN A 194 55.98 11.45 7.98
N LYS A 195 56.20 10.51 7.07
CA LYS A 195 57.53 10.22 6.55
C LYS A 195 58.05 11.31 5.61
N PHE A 196 57.14 12.03 4.95
CA PHE A 196 57.50 13.19 4.12
C PHE A 196 57.02 14.51 4.73
N GLN A 197 56.52 14.46 5.96
CA GLN A 197 56.01 15.63 6.69
C GLN A 197 54.81 16.27 5.97
N LEU A 198 53.63 15.72 6.19
CA LEU A 198 52.43 16.13 5.47
C LEU A 198 51.13 15.83 6.24
N THR A 199 50.02 16.33 5.71
CA THR A 199 48.70 16.09 6.28
C THR A 199 47.66 15.81 5.18
N PRO A 200 46.45 15.38 5.56
CA PRO A 200 45.36 15.26 4.58
C PRO A 200 44.87 16.60 4.02
N VAL A 201 45.25 17.71 4.66
CA VAL A 201 44.95 19.04 4.13
C VAL A 201 45.78 19.32 2.87
N ASP A 202 47.00 18.79 2.84
CA ASP A 202 47.88 18.92 1.67
C ASP A 202 47.49 17.96 0.55
N VAL A 203 46.86 16.84 0.90
CA VAL A 203 46.34 15.90 -0.09
C VAL A 203 45.13 16.52 -0.78
N ILE A 204 44.22 17.07 0.02
CA ILE A 204 42.98 17.67 -0.47
C ILE A 204 43.25 18.88 -1.35
N THR A 205 44.24 19.68 -0.99
CA THR A 205 44.62 20.87 -1.75
C THR A 205 45.20 20.49 -3.12
N ALA A 206 45.93 19.37 -3.16
CA ALA A 206 46.54 18.88 -4.40
C ALA A 206 45.50 18.35 -5.40
N ILE A 207 44.34 17.94 -4.92
CA ILE A 207 43.26 17.47 -5.80
C ILE A 207 42.36 18.64 -6.25
N LYS A 208 42.29 19.70 -5.44
CA LYS A 208 41.53 20.89 -5.81
C LYS A 208 42.46 21.93 -6.44
N ALA A 209 43.15 21.50 -7.49
CA ALA A 209 44.18 22.31 -8.15
C ALA A 209 44.65 21.61 -9.43
N GLN A 210 45.12 20.37 -9.27
CA GLN A 210 45.56 19.56 -10.41
C GLN A 210 44.39 18.83 -11.05
N ASN A 211 43.42 18.39 -10.23
CA ASN A 211 42.17 17.83 -10.71
C ASN A 211 41.09 18.90 -10.78
N ALA A 212 41.09 19.67 -11.87
CA ALA A 212 40.13 20.76 -12.04
C ALA A 212 40.00 21.20 -13.51
N GLN A 213 38.88 21.84 -13.82
CA GLN A 213 38.64 22.40 -15.15
C GLN A 213 38.62 23.91 -15.07
N VAL A 214 39.48 24.55 -15.88
CA VAL A 214 39.62 26.01 -15.87
C VAL A 214 39.05 26.58 -17.17
N ALA A 215 38.41 27.75 -17.05
CA ALA A 215 37.77 28.41 -18.19
C ALA A 215 38.66 29.49 -18.79
N ALA A 216 39.61 29.06 -19.63
CA ALA A 216 40.41 30.00 -20.42
C ALA A 216 39.53 30.55 -21.55
N GLY A 217 39.89 31.74 -22.03
CA GLY A 217 39.06 32.43 -23.01
C GLY A 217 39.08 31.85 -24.41
N GLN A 218 39.38 32.71 -25.39
CA GLN A 218 39.42 32.29 -26.78
C GLN A 218 40.13 33.31 -27.68
N LEU A 219 40.97 32.81 -28.57
CA LEU A 219 41.60 33.62 -29.60
C LEU A 219 40.53 34.18 -30.53
N GLY A 220 40.64 35.45 -30.90
CA GLY A 220 39.76 36.04 -31.89
C GLY A 220 38.46 36.64 -31.38
N GLY A 221 38.06 36.29 -30.16
CA GLY A 221 36.89 36.91 -29.51
C GLY A 221 37.38 37.82 -28.39
N THR A 222 36.44 38.47 -27.66
CA THR A 222 35.02 38.52 -27.99
C THR A 222 34.70 39.79 -28.82
N PRO A 223 35.10 40.97 -28.33
CA PRO A 223 35.28 42.12 -29.22
C PRO A 223 36.70 42.15 -29.78
N PRO A 224 36.87 41.85 -31.07
CA PRO A 224 38.21 41.72 -31.66
C PRO A 224 38.73 43.03 -32.25
N VAL A 225 39.88 42.96 -32.90
CA VAL A 225 40.38 44.06 -33.73
C VAL A 225 39.87 43.81 -35.14
N LYS A 226 39.28 44.82 -35.75
CA LYS A 226 38.57 44.66 -37.03
C LYS A 226 39.52 44.17 -38.12
N GLY A 227 39.45 42.88 -38.45
CA GLY A 227 40.36 42.29 -39.42
C GLY A 227 40.99 40.96 -39.03
N GLN A 228 40.61 40.41 -37.87
CA GLN A 228 41.10 39.12 -37.42
C GLN A 228 40.58 38.02 -38.34
N GLN A 229 41.40 36.99 -38.56
CA GLN A 229 41.10 35.93 -39.52
C GLN A 229 40.52 34.68 -38.88
N LEU A 230 40.98 34.34 -37.68
CA LEU A 230 40.52 33.13 -36.99
C LEU A 230 39.92 33.40 -35.60
N ASN A 231 39.21 32.41 -35.08
CA ASN A 231 38.55 32.50 -33.78
C ASN A 231 38.31 31.09 -33.20
N ALA A 232 39.20 30.66 -32.31
CA ALA A 232 39.12 29.34 -31.69
C ALA A 232 39.13 29.41 -30.16
N SER A 233 38.65 28.36 -29.51
CA SER A 233 38.53 28.32 -28.06
C SER A 233 39.79 27.75 -27.40
N ILE A 234 40.32 28.47 -26.40
CA ILE A 234 41.48 28.02 -25.64
C ILE A 234 41.07 26.94 -24.63
N ILE A 235 41.84 25.86 -24.59
CA ILE A 235 41.69 24.81 -23.58
C ILE A 235 42.77 25.02 -22.52
N ALA A 236 42.48 24.61 -21.28
CA ALA A 236 43.42 24.72 -20.18
C ALA A 236 43.42 23.42 -19.36
N GLN A 237 43.54 23.53 -18.04
CA GLN A 237 43.45 22.37 -17.15
C GLN A 237 42.25 21.49 -17.48
N THR A 238 42.51 20.20 -17.69
CA THR A 238 41.47 19.22 -17.96
C THR A 238 41.34 18.28 -16.75
N ARG A 239 40.12 17.90 -16.42
CA ARG A 239 39.86 16.99 -15.29
C ARG A 239 40.48 15.62 -15.57
N LEU A 240 41.08 15.02 -14.54
CA LEU A 240 41.74 13.71 -14.68
C LEU A 240 40.74 12.62 -15.01
N THR A 241 41.24 11.57 -15.68
CA THR A 241 40.39 10.53 -16.24
C THR A 241 40.59 9.13 -15.65
N SER A 242 41.82 8.81 -15.23
CA SER A 242 42.17 7.45 -14.83
C SER A 242 42.90 7.38 -13.48
N THR A 243 42.91 6.18 -12.90
CA THR A 243 43.62 5.89 -11.65
C THR A 243 45.12 6.21 -11.71
N GLU A 244 45.73 6.05 -12.88
CA GLU A 244 47.15 6.34 -13.07
C GLU A 244 47.45 7.83 -12.92
N GLU A 245 46.60 8.66 -13.51
CA GLU A 245 46.78 10.12 -13.49
C GLU A 245 46.62 10.70 -12.08
N PHE A 246 45.80 10.05 -11.26
CA PHE A 246 45.63 10.44 -9.86
C PHE A 246 46.83 10.00 -9.01
N GLY A 247 47.54 8.96 -9.44
CA GLY A 247 48.76 8.54 -8.81
C GLY A 247 49.93 9.46 -9.06
N LYS A 248 49.87 10.23 -10.15
CA LYS A 248 50.96 11.12 -10.54
C LYS A 248 50.71 12.60 -10.19
N ILE A 249 49.88 12.85 -9.18
CA ILE A 249 49.65 14.21 -8.68
C ILE A 249 50.82 14.58 -7.76
N LEU A 250 51.34 15.80 -7.92
CA LEU A 250 52.52 16.23 -7.18
C LEU A 250 52.16 16.90 -5.86
N LEU A 251 52.58 16.26 -4.76
CA LEU A 251 52.38 16.80 -3.41
C LEU A 251 53.55 17.67 -2.98
N LYS A 252 54.76 17.16 -3.16
CA LYS A 252 55.96 17.80 -2.62
C LYS A 252 57.19 17.56 -3.50
N VAL A 253 58.23 18.37 -3.27
CA VAL A 253 59.56 18.13 -3.84
C VAL A 253 60.59 18.29 -2.70
N ASN A 254 60.93 17.18 -2.06
CA ASN A 254 61.80 17.18 -0.89
C ASN A 254 63.26 17.50 -1.22
N GLN A 255 63.75 18.63 -0.69
CA GLN A 255 65.17 19.04 -0.71
C GLN A 255 66.05 18.51 -1.85
N ASP A 256 66.39 17.22 -1.80
CA ASP A 256 67.34 16.61 -2.75
C ASP A 256 66.82 16.40 -4.18
N GLY A 257 65.64 16.94 -4.51
CA GLY A 257 65.05 16.77 -5.82
C GLY A 257 64.17 15.54 -5.95
N SER A 258 63.94 14.84 -4.83
CA SER A 258 63.03 13.70 -4.81
C SER A 258 61.59 14.17 -4.95
N ARG A 259 60.75 13.36 -5.58
CA ARG A 259 59.34 13.69 -5.77
C ARG A 259 58.44 12.78 -4.95
N VAL A 260 57.60 13.38 -4.10
CA VAL A 260 56.56 12.67 -3.39
C VAL A 260 55.29 12.78 -4.21
N LEU A 261 54.77 11.65 -4.67
CA LEU A 261 53.54 11.60 -5.45
C LEU A 261 52.38 11.16 -4.56
N LEU A 262 51.16 11.22 -5.11
CA LEU A 262 49.96 10.87 -4.36
C LEU A 262 49.86 9.36 -4.09
N ARG A 263 50.43 8.56 -5.00
CA ARG A 263 50.45 7.11 -4.83
C ARG A 263 51.54 6.67 -3.84
N ASP A 264 52.60 7.47 -3.71
CA ASP A 264 53.69 7.19 -2.78
C ASP A 264 53.28 7.33 -1.31
N VAL A 265 52.17 8.04 -1.05
CA VAL A 265 51.63 8.19 0.30
C VAL A 265 50.34 7.38 0.51
N ALA A 266 49.65 7.03 -0.58
CA ALA A 266 48.32 6.43 -0.49
C ALA A 266 48.03 5.42 -1.61
N LYS A 267 47.23 4.41 -1.28
CA LYS A 267 46.72 3.46 -2.28
C LYS A 267 45.65 4.18 -3.12
N ILE A 268 45.55 3.79 -4.39
CA ILE A 268 44.58 4.40 -5.31
C ILE A 268 43.86 3.31 -6.13
N GLU A 269 42.60 3.07 -5.80
CA GLU A 269 41.75 2.13 -6.54
C GLU A 269 40.41 2.76 -6.90
N LEU A 270 39.81 2.30 -7.99
CA LEU A 270 38.50 2.78 -8.41
C LEU A 270 37.41 1.91 -7.74
N GLY A 271 36.78 2.48 -6.72
CA GLY A 271 35.73 1.79 -5.97
C GLY A 271 34.59 2.70 -5.54
N GLY A 272 33.50 2.09 -5.07
CA GLY A 272 32.27 2.82 -4.75
C GLY A 272 32.44 3.96 -3.77
N GLU A 273 31.50 4.91 -3.81
CA GLU A 273 31.51 6.07 -2.92
C GLU A 273 30.88 5.77 -1.55
N ASN A 274 30.33 4.58 -1.39
CA ASN A 274 29.68 4.16 -0.15
C ASN A 274 29.71 2.64 0.01
N TYR A 275 30.41 2.16 1.04
CA TYR A 275 30.56 0.72 1.28
C TYR A 275 29.65 0.22 2.41
N ASP A 276 28.62 0.99 2.75
CA ASP A 276 27.72 0.64 3.86
C ASP A 276 26.81 -0.54 3.53
N ILE A 277 26.46 -0.71 2.25
CA ILE A 277 25.55 -1.78 1.84
C ILE A 277 26.04 -2.53 0.59
N ILE A 278 25.97 -3.87 0.64
CA ILE A 278 26.29 -4.73 -0.50
C ILE A 278 25.38 -5.98 -0.51
N ALA A 279 24.74 -6.22 -1.65
CA ALA A 279 23.69 -7.24 -1.76
C ALA A 279 24.19 -8.55 -2.37
N GLU A 280 23.39 -9.61 -2.19
CA GLU A 280 23.68 -10.93 -2.75
C GLU A 280 22.41 -11.62 -3.26
N PHE A 281 22.37 -11.90 -4.56
CA PHE A 281 21.28 -12.65 -5.18
C PHE A 281 21.54 -14.15 -5.10
N ASN A 282 21.00 -14.79 -4.06
CA ASN A 282 21.24 -16.22 -3.77
C ASN A 282 22.70 -16.53 -3.46
N GLY A 283 23.35 -15.64 -2.72
CA GLY A 283 24.77 -15.79 -2.39
C GLY A 283 25.70 -15.53 -3.56
N GLN A 284 25.18 -14.81 -4.56
CA GLN A 284 25.95 -14.43 -5.76
C GLN A 284 26.07 -12.90 -5.76
N PRO A 285 27.24 -12.36 -6.08
CA PRO A 285 27.45 -10.91 -5.95
C PRO A 285 26.58 -10.10 -6.91
N ALA A 286 25.74 -9.22 -6.35
CA ALA A 286 24.71 -8.52 -7.12
C ALA A 286 24.44 -7.10 -6.64
N SER A 287 24.00 -6.25 -7.57
CA SER A 287 23.42 -4.95 -7.27
C SER A 287 21.95 -4.97 -7.70
N GLY A 288 21.31 -3.81 -7.84
CA GLY A 288 19.94 -3.74 -8.33
C GLY A 288 19.24 -2.42 -8.12
N LEU A 289 18.21 -2.18 -8.93
CA LEU A 289 17.35 -1.01 -8.79
C LEU A 289 16.09 -1.37 -8.03
N GLY A 290 15.96 -0.85 -6.80
CA GLY A 290 14.74 -1.02 -6.02
C GLY A 290 13.86 0.21 -6.14
N ILE A 291 13.04 0.24 -7.18
CA ILE A 291 12.19 1.39 -7.47
C ILE A 291 11.01 1.45 -6.51
N LYS A 292 10.64 2.66 -6.09
CA LYS A 292 9.50 2.89 -5.21
C LYS A 292 8.55 3.91 -5.86
N LEU A 293 7.25 3.78 -5.55
CA LEU A 293 6.20 4.51 -6.27
C LEU A 293 6.18 6.00 -5.95
N ALA A 294 5.39 6.75 -6.74
CA ALA A 294 5.43 8.22 -6.70
C ALA A 294 4.12 8.88 -6.26
N THR A 295 3.52 8.34 -5.20
CA THR A 295 2.48 9.05 -4.44
C THR A 295 1.32 9.53 -5.32
N GLY A 296 0.77 8.62 -6.11
CA GLY A 296 -0.28 8.95 -7.06
C GLY A 296 -0.09 8.33 -8.44
N ALA A 297 1.14 7.87 -8.73
CA ALA A 297 1.46 7.20 -10.00
C ALA A 297 0.54 6.02 -10.31
N ASN A 298 0.58 5.58 -11.58
CA ASN A 298 -0.36 4.58 -12.08
C ASN A 298 0.08 3.12 -11.86
N ALA A 299 1.10 2.91 -11.03
CA ALA A 299 1.59 1.58 -10.65
C ALA A 299 1.97 0.68 -11.83
N LEU A 300 1.05 -0.19 -12.27
CA LEU A 300 1.38 -1.22 -13.29
C LEU A 300 1.71 -0.63 -14.67
N ASP A 301 1.26 0.60 -14.93
CA ASP A 301 1.66 1.33 -16.13
C ASP A 301 3.09 1.84 -15.96
N THR A 302 3.39 2.37 -14.78
CA THR A 302 4.74 2.80 -14.40
C THR A 302 5.75 1.64 -14.46
N ALA A 303 5.33 0.44 -14.04
CA ALA A 303 6.20 -0.73 -14.01
C ALA A 303 6.41 -1.31 -15.40
N ALA A 304 5.46 -1.08 -16.30
CA ALA A 304 5.59 -1.46 -17.71
C ALA A 304 6.66 -0.61 -18.39
N ALA A 305 6.78 0.64 -17.96
CA ALA A 305 7.76 1.58 -18.52
C ALA A 305 9.11 1.50 -17.80
N ILE A 306 9.17 0.76 -16.70
CA ILE A 306 10.46 0.39 -16.10
C ILE A 306 11.13 -0.63 -17.02
N ARG A 307 10.32 -1.44 -17.70
CA ARG A 307 10.82 -2.35 -18.73
C ARG A 307 11.17 -1.60 -20.02
N ALA A 308 10.51 -0.46 -20.28
CA ALA A 308 10.76 0.33 -21.49
C ALA A 308 12.21 0.77 -21.62
N GLU A 309 12.73 1.47 -20.61
CA GLU A 309 14.13 1.90 -20.59
C GLU A 309 15.06 0.70 -20.48
N LEU A 310 14.73 -0.21 -19.57
CA LEU A 310 15.51 -1.43 -19.31
C LEU A 310 15.72 -2.28 -20.57
N ALA A 311 14.74 -2.29 -21.47
CA ALA A 311 14.78 -3.12 -22.67
C ALA A 311 15.76 -2.58 -23.70
N LYS A 312 15.84 -1.26 -23.80
CA LYS A 312 16.80 -0.59 -24.70
C LYS A 312 18.23 -0.65 -24.15
N MET A 313 18.38 -0.97 -22.87
CA MET A 313 19.69 -1.06 -22.22
C MET A 313 20.33 -2.43 -22.37
N GLU A 314 19.51 -3.49 -22.48
CA GLU A 314 20.01 -4.87 -22.51
C GLU A 314 21.08 -5.16 -23.56
N PRO A 315 20.88 -4.73 -24.80
CA PRO A 315 21.80 -5.08 -25.90
C PRO A 315 23.26 -4.65 -25.71
N PHE A 316 23.49 -3.54 -25.02
CA PHE A 316 24.83 -2.98 -24.84
C PHE A 316 25.45 -3.38 -23.50
N PHE A 317 25.19 -4.60 -23.06
CA PHE A 317 25.71 -5.12 -21.81
C PHE A 317 27.04 -5.83 -22.05
N PRO A 318 28.01 -5.66 -21.13
CA PRO A 318 29.21 -6.51 -21.09
C PRO A 318 28.88 -8.01 -21.02
N SER A 319 29.88 -8.84 -21.29
CA SER A 319 29.70 -10.30 -21.28
C SER A 319 29.40 -10.81 -19.87
N GLY A 320 28.20 -11.36 -19.68
CA GLY A 320 27.79 -11.92 -18.40
C GLY A 320 26.62 -11.18 -17.77
N LEU A 321 26.63 -9.85 -17.88
CA LEU A 321 25.57 -9.01 -17.32
C LEU A 321 24.19 -9.47 -17.82
N LYS A 322 23.35 -9.90 -16.87
CA LYS A 322 21.99 -10.36 -17.16
C LYS A 322 21.01 -9.87 -16.11
N ILE A 323 19.80 -9.54 -16.54
CA ILE A 323 18.76 -9.05 -15.64
C ILE A 323 17.95 -10.22 -15.05
N VAL A 324 17.62 -10.09 -13.76
CA VAL A 324 16.76 -11.06 -13.05
C VAL A 324 15.68 -10.31 -12.29
N TYR A 325 14.60 -11.00 -11.92
CA TYR A 325 13.43 -10.36 -11.31
C TYR A 325 12.96 -11.02 -10.01
N PRO A 326 13.50 -10.59 -8.88
CA PRO A 326 12.90 -10.85 -7.57
C PRO A 326 11.85 -9.78 -7.23
N TYR A 327 11.20 -9.91 -6.06
CA TYR A 327 10.19 -8.96 -5.58
C TYR A 327 9.53 -8.13 -6.68
N ASP A 328 8.42 -8.64 -7.22
CA ASP A 328 7.72 -8.01 -8.34
C ASP A 328 6.20 -8.08 -8.14
N THR A 329 5.54 -6.92 -8.24
CA THR A 329 4.11 -6.78 -8.00
C THR A 329 3.26 -7.03 -9.25
N THR A 330 3.79 -6.64 -10.42
CA THR A 330 3.11 -6.77 -11.72
C THR A 330 2.21 -8.01 -11.94
N PRO A 331 2.72 -9.23 -11.73
CA PRO A 331 1.94 -10.44 -12.04
C PRO A 331 0.81 -10.75 -11.06
N PHE A 332 0.81 -10.13 -9.87
CA PHE A 332 -0.32 -10.18 -8.95
C PHE A 332 -1.56 -9.51 -9.55
N VAL A 333 -1.34 -8.44 -10.33
CA VAL A 333 -2.41 -7.77 -11.06
C VAL A 333 -2.96 -8.63 -12.20
N LYS A 334 -2.08 -9.40 -12.83
CA LYS A 334 -2.47 -10.30 -13.93
C LYS A 334 -3.31 -11.47 -13.42
N ILE A 335 -3.16 -11.79 -12.14
CA ILE A 335 -3.93 -12.87 -11.50
C ILE A 335 -5.28 -12.35 -10.99
N SER A 336 -5.34 -11.07 -10.62
CA SER A 336 -6.57 -10.47 -10.11
C SER A 336 -7.53 -10.04 -11.22
N ILE A 337 -7.10 -10.17 -12.48
CA ILE A 337 -7.95 -9.96 -13.64
C ILE A 337 -8.38 -11.30 -14.23
N HIS A 338 -7.41 -12.20 -14.42
CA HIS A 338 -7.67 -13.53 -14.96
C HIS A 338 -8.32 -14.49 -13.93
N GLU A 339 -8.47 -14.03 -12.68
CA GLU A 339 -9.27 -14.75 -11.68
C GLU A 339 -10.30 -13.80 -11.07
N VAL A 340 -11.10 -13.20 -11.98
CA VAL A 340 -12.16 -12.26 -11.64
C VAL A 340 -13.04 -12.11 -12.89
N VAL A 341 -12.41 -11.89 -14.04
CA VAL A 341 -13.06 -11.96 -15.33
C VAL A 341 -13.34 -13.42 -15.73
N LYS A 342 -12.59 -14.36 -15.13
CA LYS A 342 -12.91 -15.79 -15.22
C LYS A 342 -14.10 -16.09 -14.31
N THR A 343 -14.07 -15.53 -13.10
CA THR A 343 -15.17 -15.64 -12.15
C THR A 343 -16.46 -15.07 -12.74
N LEU A 344 -16.35 -13.86 -13.29
CA LEU A 344 -17.37 -13.23 -14.13
C LEU A 344 -18.03 -14.21 -15.08
N VAL A 345 -17.20 -14.90 -15.86
CA VAL A 345 -17.67 -15.80 -16.92
C VAL A 345 -18.38 -17.04 -16.35
N GLU A 346 -17.93 -17.51 -15.19
CA GLU A 346 -18.54 -18.64 -14.51
C GLU A 346 -19.90 -18.27 -13.90
N ALA A 347 -20.07 -17.00 -13.56
CA ALA A 347 -21.34 -16.51 -13.01
C ALA A 347 -22.43 -16.41 -14.08
N ILE A 348 -22.02 -16.35 -15.35
CA ILE A 348 -22.96 -16.48 -16.47
C ILE A 348 -23.24 -17.97 -16.67
N ILE A 349 -22.26 -18.70 -17.20
CA ILE A 349 -22.32 -20.16 -17.35
C ILE A 349 -23.24 -20.88 -16.33
N LEU A 350 -23.12 -20.54 -15.05
CA LEU A 350 -23.95 -21.14 -14.00
C LEU A 350 -25.39 -20.59 -14.02
N VAL A 351 -25.53 -19.27 -14.14
CA VAL A 351 -26.84 -18.64 -14.32
C VAL A 351 -27.59 -19.20 -15.53
N PHE A 352 -26.92 -19.24 -16.68
CA PHE A 352 -27.45 -19.86 -17.91
C PHE A 352 -28.22 -21.15 -17.66
N LEU A 353 -27.71 -21.99 -16.75
CA LEU A 353 -28.37 -23.24 -16.38
C LEU A 353 -29.67 -23.01 -15.62
N VAL A 354 -29.61 -22.16 -14.59
CA VAL A 354 -30.81 -21.82 -13.79
C VAL A 354 -31.97 -21.34 -14.65
N MET A 355 -31.67 -20.61 -15.72
CA MET A 355 -32.68 -20.10 -16.65
C MET A 355 -33.29 -21.21 -17.51
N TYR A 356 -32.47 -22.21 -17.86
CA TYR A 356 -32.95 -23.37 -18.62
C TYR A 356 -33.73 -24.35 -17.74
N LEU A 357 -33.19 -24.63 -16.57
CA LEU A 357 -33.84 -25.48 -15.55
C LEU A 357 -35.30 -25.10 -15.29
N PHE A 358 -35.56 -23.78 -15.23
CA PHE A 358 -36.89 -23.27 -14.89
C PHE A 358 -37.74 -23.03 -16.15
N LEU A 359 -37.10 -22.56 -17.21
CA LEU A 359 -37.75 -22.33 -18.51
C LEU A 359 -37.00 -23.09 -19.60
N GLN A 360 -37.63 -24.14 -20.15
CA GLN A 360 -37.00 -24.96 -21.19
C GLN A 360 -36.84 -24.23 -22.53
N ASN A 361 -37.51 -23.08 -22.68
CA ASN A 361 -37.33 -22.22 -23.84
C ASN A 361 -35.90 -21.70 -23.91
N PHE A 362 -35.21 -22.00 -25.01
CA PHE A 362 -33.80 -21.62 -25.18
C PHE A 362 -33.62 -20.11 -25.20
N ARG A 363 -34.25 -19.45 -26.18
CA ARG A 363 -34.27 -17.98 -26.26
C ARG A 363 -34.54 -17.25 -24.94
N ALA A 364 -35.32 -17.87 -24.05
CA ALA A 364 -35.54 -17.32 -22.71
C ALA A 364 -34.25 -17.32 -21.88
N THR A 365 -33.51 -18.43 -21.92
CA THR A 365 -32.14 -18.46 -21.38
C THR A 365 -31.15 -17.81 -22.36
N LEU A 366 -31.25 -16.49 -22.45
CA LEU A 366 -30.51 -15.71 -23.43
C LEU A 366 -30.71 -14.23 -23.13
N ILE A 367 -31.97 -13.80 -23.04
CA ILE A 367 -32.32 -12.38 -22.78
C ILE A 367 -31.64 -11.83 -21.51
N PRO A 368 -31.68 -12.57 -20.39
CA PRO A 368 -30.93 -12.17 -19.20
C PRO A 368 -29.41 -12.35 -19.34
N THR A 369 -29.00 -13.30 -20.18
CA THR A 369 -27.58 -13.51 -20.50
C THR A 369 -26.97 -12.40 -21.36
N ILE A 370 -27.82 -11.52 -21.93
CA ILE A 370 -27.35 -10.30 -22.62
C ILE A 370 -27.58 -9.06 -21.76
N ALA A 371 -28.47 -9.15 -20.78
CA ALA A 371 -28.85 -8.03 -19.93
C ALA A 371 -27.85 -7.77 -18.79
N VAL A 372 -26.74 -8.52 -18.75
CA VAL A 372 -25.65 -8.24 -17.83
C VAL A 372 -24.27 -7.97 -18.47
N PRO A 373 -23.84 -8.67 -19.53
CA PRO A 373 -22.64 -8.24 -20.26
C PRO A 373 -22.68 -6.79 -20.69
N VAL A 374 -23.83 -6.31 -21.16
CA VAL A 374 -24.01 -4.91 -21.54
C VAL A 374 -23.89 -3.97 -20.35
N VAL A 375 -24.51 -4.34 -19.23
CA VAL A 375 -24.54 -3.48 -18.04
C VAL A 375 -23.14 -3.34 -17.43
N LEU A 376 -22.39 -4.45 -17.43
CA LEU A 376 -20.96 -4.45 -17.08
C LEU A 376 -20.18 -3.34 -17.77
N LEU A 377 -20.34 -3.26 -19.09
CA LEU A 377 -19.57 -2.33 -19.92
C LEU A 377 -19.96 -0.87 -19.67
N GLY A 378 -21.26 -0.62 -19.50
CA GLY A 378 -21.74 0.73 -19.24
C GLY A 378 -21.17 1.27 -17.94
N THR A 379 -20.92 0.36 -17.00
CA THR A 379 -20.38 0.71 -15.70
C THR A 379 -18.89 1.05 -15.80
N PHE A 380 -18.16 0.39 -16.70
CA PHE A 380 -16.78 0.76 -17.01
C PHE A 380 -16.68 2.21 -17.50
N ALA A 381 -17.68 2.63 -18.28
CA ALA A 381 -17.68 3.95 -18.91
C ALA A 381 -18.01 5.10 -17.95
N VAL A 382 -18.60 4.77 -16.79
CA VAL A 382 -18.94 5.77 -15.79
C VAL A 382 -17.77 6.00 -14.80
N LEU A 383 -17.04 4.92 -14.48
CA LEU A 383 -15.88 5.03 -13.59
C LEU A 383 -14.73 5.76 -14.29
N ALA A 384 -14.62 5.55 -15.60
CA ALA A 384 -13.64 6.28 -16.42
C ALA A 384 -13.98 7.76 -16.48
N ALA A 385 -15.29 8.06 -16.56
CA ALA A 385 -15.76 9.45 -16.66
C ALA A 385 -15.71 10.20 -15.33
N PHE A 386 -15.64 9.49 -14.21
CA PHE A 386 -15.66 10.10 -12.88
C PHE A 386 -14.27 10.25 -12.25
N GLY A 387 -13.30 9.47 -12.73
CA GLY A 387 -11.94 9.57 -12.23
C GLY A 387 -11.29 8.24 -11.82
N PHE A 388 -12.11 7.28 -11.41
CA PHE A 388 -11.59 5.99 -10.89
C PHE A 388 -10.95 5.13 -11.98
N SER A 389 -10.31 4.05 -11.55
CA SER A 389 -9.62 3.12 -12.46
C SER A 389 -10.06 1.68 -12.22
N ILE A 390 -9.61 0.76 -13.07
CA ILE A 390 -9.76 -0.67 -12.84
C ILE A 390 -8.90 -1.04 -11.62
N ASN A 391 -9.54 -1.07 -10.46
CA ASN A 391 -8.88 -1.40 -9.21
C ASN A 391 -9.25 -2.82 -8.79
N THR A 392 -8.48 -3.38 -7.86
CA THR A 392 -8.84 -4.65 -7.22
C THR A 392 -10.23 -4.53 -6.58
N LEU A 393 -10.53 -3.34 -6.06
CA LEU A 393 -11.82 -3.08 -5.41
C LEU A 393 -12.97 -2.95 -6.41
N THR A 394 -12.80 -2.11 -7.43
CA THR A 394 -13.86 -1.85 -8.41
C THR A 394 -14.10 -3.03 -9.36
N MET A 395 -13.22 -4.01 -9.34
CA MET A 395 -13.37 -5.24 -10.14
C MET A 395 -14.16 -6.27 -9.34
N PHE A 396 -14.00 -6.22 -8.01
CA PHE A 396 -14.83 -7.01 -7.10
C PHE A 396 -16.26 -6.46 -7.03
N GLY A 397 -16.46 -5.22 -7.48
CA GLY A 397 -17.77 -4.60 -7.55
C GLY A 397 -18.49 -4.96 -8.83
N MET A 398 -17.78 -5.56 -9.77
CA MET A 398 -18.36 -6.10 -11.00
C MET A 398 -18.83 -7.53 -10.77
N VAL A 399 -18.38 -8.14 -9.67
CA VAL A 399 -18.73 -9.53 -9.35
C VAL A 399 -19.92 -9.56 -8.41
N LEU A 400 -19.81 -8.80 -7.32
CA LEU A 400 -20.93 -8.52 -6.44
C LEU A 400 -22.07 -7.85 -7.22
N ALA A 401 -21.70 -7.15 -8.30
CA ALA A 401 -22.66 -6.60 -9.25
C ALA A 401 -23.47 -7.69 -9.94
N ILE A 402 -22.77 -8.58 -10.65
CA ILE A 402 -23.40 -9.59 -11.52
C ILE A 402 -24.73 -10.06 -10.95
N GLY A 403 -24.73 -10.37 -9.65
CA GLY A 403 -25.94 -10.77 -8.95
C GLY A 403 -27.12 -9.82 -9.09
N LEU A 404 -26.97 -8.60 -8.54
CA LEU A 404 -28.02 -7.57 -8.59
C LEU A 404 -28.07 -6.89 -9.97
N LEU A 405 -28.39 -7.68 -11.00
CA LEU A 405 -28.25 -7.26 -12.39
C LEU A 405 -28.99 -8.27 -13.29
N VAL A 406 -28.65 -9.54 -13.13
CA VAL A 406 -29.45 -10.64 -13.72
C VAL A 406 -30.72 -10.82 -12.90
N ASP A 407 -30.65 -10.47 -11.63
CA ASP A 407 -31.82 -10.34 -10.76
C ASP A 407 -32.86 -9.43 -11.40
N ASP A 408 -32.42 -8.26 -11.85
CA ASP A 408 -33.30 -7.27 -12.47
C ASP A 408 -33.70 -7.68 -13.89
N ALA A 409 -32.86 -8.50 -14.52
CA ALA A 409 -33.14 -9.04 -15.85
C ALA A 409 -34.12 -10.21 -15.77
N ILE A 410 -34.17 -10.87 -14.62
CA ILE A 410 -34.97 -12.07 -14.44
C ILE A 410 -36.44 -11.70 -14.29
N VAL A 411 -36.73 -10.62 -13.55
CA VAL A 411 -38.11 -10.22 -13.28
C VAL A 411 -38.84 -9.96 -14.59
N VAL A 412 -38.52 -8.84 -15.25
CA VAL A 412 -39.10 -8.49 -16.56
C VAL A 412 -39.33 -9.69 -17.49
N VAL A 413 -38.32 -10.55 -17.62
CA VAL A 413 -38.36 -11.68 -18.56
C VAL A 413 -39.41 -12.73 -18.19
N GLU A 414 -39.31 -13.30 -17.00
CA GLU A 414 -40.21 -14.36 -16.55
C GLU A 414 -41.60 -13.85 -16.18
N ASN A 415 -41.73 -12.54 -15.96
CA ASN A 415 -43.03 -11.94 -15.68
C ASN A 415 -43.87 -11.82 -16.95
N VAL A 416 -43.20 -11.81 -18.10
CA VAL A 416 -43.89 -12.01 -19.37
C VAL A 416 -44.34 -13.47 -19.42
N GLU A 417 -43.43 -14.39 -19.06
CA GLU A 417 -43.66 -15.83 -19.15
C GLU A 417 -44.89 -16.33 -18.38
N ARG A 418 -45.29 -15.61 -17.32
CA ARG A 418 -46.52 -15.94 -16.61
C ARG A 418 -47.73 -15.51 -17.44
N VAL A 419 -47.70 -14.27 -17.92
CA VAL A 419 -48.81 -13.71 -18.72
C VAL A 419 -49.10 -14.54 -19.98
N MET A 420 -48.09 -15.27 -20.47
CA MET A 420 -48.26 -16.13 -21.64
C MET A 420 -48.64 -17.56 -21.22
N ALA A 421 -49.68 -17.68 -20.40
CA ALA A 421 -50.08 -18.93 -19.78
C ALA A 421 -51.21 -18.68 -18.77
N GLU A 422 -50.98 -17.72 -17.88
CA GLU A 422 -51.99 -17.19 -16.96
C GLU A 422 -53.19 -16.62 -17.73
N GLU A 423 -52.90 -16.08 -18.92
CA GLU A 423 -53.96 -15.63 -19.85
C GLU A 423 -53.58 -15.94 -21.30
N GLY A 424 -52.90 -17.08 -21.51
CA GLY A 424 -52.40 -17.52 -22.82
C GLY A 424 -52.25 -16.44 -23.87
N LEU A 425 -51.08 -15.81 -23.92
CA LEU A 425 -50.90 -14.59 -24.72
C LEU A 425 -49.42 -14.20 -24.92
N PRO A 426 -48.84 -14.64 -26.04
CA PRO A 426 -47.53 -14.16 -26.52
C PRO A 426 -47.29 -12.64 -26.72
N PRO A 427 -48.26 -11.87 -27.22
CA PRO A 427 -47.96 -10.66 -28.01
C PRO A 427 -47.14 -9.54 -27.35
N LYS A 428 -46.91 -8.48 -28.13
CA LYS A 428 -46.26 -7.26 -27.66
C LYS A 428 -46.99 -6.65 -26.46
N GLU A 429 -48.33 -6.73 -26.48
CA GLU A 429 -49.16 -6.12 -25.44
C GLU A 429 -49.22 -6.93 -24.14
N ALA A 430 -48.68 -8.15 -24.15
CA ALA A 430 -48.44 -8.89 -22.91
C ALA A 430 -47.23 -8.27 -22.22
N THR A 431 -46.11 -8.21 -22.97
CA THR A 431 -44.94 -7.40 -22.58
C THR A 431 -45.30 -6.01 -22.05
N ARG A 432 -46.28 -5.35 -22.66
CA ARG A 432 -46.61 -3.97 -22.34
C ARG A 432 -47.31 -3.85 -20.99
N LYS A 433 -48.37 -4.61 -20.81
CA LYS A 433 -49.18 -4.56 -19.59
C LYS A 433 -48.68 -5.55 -18.52
N SER A 434 -47.48 -6.08 -18.74
CA SER A 434 -46.76 -6.83 -17.70
C SER A 434 -45.95 -5.82 -16.89
N MET A 435 -45.31 -4.87 -17.57
CA MET A 435 -44.67 -3.75 -16.87
C MET A 435 -45.67 -2.63 -16.50
N GLY A 436 -46.96 -2.94 -16.60
CA GLY A 436 -47.97 -2.19 -15.86
C GLY A 436 -47.84 -2.56 -14.40
N GLN A 437 -47.61 -3.85 -14.14
CA GLN A 437 -47.37 -4.37 -12.79
C GLN A 437 -45.92 -4.21 -12.31
N ILE A 438 -44.97 -4.16 -13.23
CA ILE A 438 -43.54 -4.25 -12.89
C ILE A 438 -42.84 -2.88 -12.82
N GLN A 439 -43.08 -2.04 -13.82
CA GLN A 439 -42.44 -0.72 -13.93
C GLN A 439 -42.51 0.11 -12.63
N GLY A 440 -43.65 0.04 -11.94
CA GLY A 440 -43.84 0.76 -10.70
C GLY A 440 -42.78 0.46 -9.66
N ALA A 441 -42.51 -0.83 -9.46
CA ALA A 441 -41.46 -1.27 -8.55
C ALA A 441 -40.06 -0.92 -9.04
N LEU A 442 -39.84 -1.08 -10.35
CA LEU A 442 -38.52 -0.91 -10.97
C LEU A 442 -37.80 0.41 -10.69
N VAL A 443 -38.57 1.51 -10.62
CA VAL A 443 -37.99 2.85 -10.43
C VAL A 443 -38.04 3.29 -8.95
N GLY A 444 -38.30 2.32 -8.06
CA GLY A 444 -38.29 2.53 -6.61
C GLY A 444 -37.16 1.75 -5.96
N ILE A 445 -37.02 0.49 -6.35
CA ILE A 445 -35.80 -0.28 -6.08
C ILE A 445 -34.57 0.46 -6.61
N ALA A 446 -34.72 1.11 -7.77
CA ALA A 446 -33.67 1.97 -8.31
C ALA A 446 -33.28 3.07 -7.32
N MET A 447 -34.29 3.69 -6.71
CA MET A 447 -34.10 4.83 -5.81
C MET A 447 -33.78 4.47 -4.34
N VAL A 448 -33.71 3.18 -4.00
CA VAL A 448 -33.35 2.75 -2.64
C VAL A 448 -32.13 1.83 -2.58
N LEU A 449 -31.91 1.05 -3.63
CA LEU A 449 -30.60 0.43 -3.87
C LEU A 449 -29.57 1.55 -3.99
N SER A 450 -30.02 2.72 -4.45
CA SER A 450 -29.22 3.93 -4.48
C SER A 450 -28.60 4.23 -3.12
N ALA A 451 -29.45 4.31 -2.09
CA ALA A 451 -29.03 4.88 -0.81
C ALA A 451 -28.86 3.88 0.33
N VAL A 452 -28.75 2.59 0.00
CA VAL A 452 -28.02 1.68 0.88
C VAL A 452 -26.53 1.95 0.61
N PHE A 453 -26.24 2.34 -0.63
CA PHE A 453 -24.89 2.32 -1.18
C PHE A 453 -24.11 3.64 -1.08
N VAL A 454 -24.66 4.73 -1.65
CA VAL A 454 -23.91 5.99 -1.81
C VAL A 454 -23.65 6.77 -0.50
N PRO A 455 -24.63 6.86 0.40
CA PRO A 455 -24.35 7.26 1.79
C PRO A 455 -23.13 6.60 2.41
N MET A 456 -23.01 5.28 2.24
CA MET A 456 -21.82 4.55 2.68
C MET A 456 -20.60 4.93 1.84
N ALA A 457 -20.86 5.38 0.61
CA ALA A 457 -19.83 5.95 -0.27
C ALA A 457 -19.65 7.46 -0.10
N PHE A 458 -19.65 7.93 1.15
CA PHE A 458 -19.27 9.31 1.46
C PHE A 458 -17.92 9.36 2.17
N PHE A 459 -17.26 8.19 2.24
CA PHE A 459 -15.88 8.01 2.71
C PHE A 459 -15.41 8.74 3.99
N GLY A 460 -14.27 8.27 4.52
CA GLY A 460 -13.68 8.88 5.70
C GLY A 460 -12.22 8.48 5.92
N GLY A 461 -11.30 9.29 5.39
CA GLY A 461 -9.88 9.12 5.64
C GLY A 461 -9.19 8.08 4.75
N SER A 462 -8.11 7.49 5.29
CA SER A 462 -7.32 6.47 4.58
C SER A 462 -8.17 5.36 3.95
N THR A 463 -9.35 5.12 4.52
CA THR A 463 -10.37 4.27 3.92
C THR A 463 -11.23 5.14 2.99
N GLY A 464 -10.56 5.78 2.04
CA GLY A 464 -11.19 6.74 1.15
C GLY A 464 -11.93 6.06 0.02
N ALA A 465 -11.18 5.35 -0.83
CA ALA A 465 -11.76 4.66 -1.99
C ALA A 465 -12.24 3.25 -1.65
N ILE A 466 -12.61 3.02 -0.38
CA ILE A 466 -12.82 1.66 0.14
C ILE A 466 -14.30 1.33 0.28
N TYR A 467 -15.03 2.10 1.09
CA TYR A 467 -16.49 2.02 1.09
C TYR A 467 -17.03 2.99 0.04
N ARG A 468 -16.22 3.27 -0.97
CA ARG A 468 -16.46 4.34 -1.92
C ARG A 468 -16.86 3.68 -3.23
N GLN A 469 -15.95 3.64 -4.20
CA GLN A 469 -15.99 2.65 -5.30
C GLN A 469 -16.58 1.30 -4.86
N SER A 471 -19.32 1.11 -3.65
CA SER A 471 -20.70 1.42 -3.96
C SER A 471 -20.55 2.07 -5.35
N ILE A 472 -21.10 3.26 -5.61
CA ILE A 472 -20.91 4.01 -6.88
C ILE A 472 -20.54 3.16 -8.13
N THR A 473 -19.43 2.42 -8.11
CA THR A 473 -19.19 1.33 -9.06
C THR A 473 -20.43 0.43 -9.19
N ILE A 474 -21.00 0.09 -8.04
CA ILE A 474 -22.26 -0.67 -7.96
C ILE A 474 -23.65 -0.03 -7.95
N VAL A 475 -23.66 1.30 -7.91
CA VAL A 475 -24.86 2.11 -8.10
C VAL A 475 -24.97 2.47 -9.58
N SER A 476 -23.84 2.80 -10.20
CA SER A 476 -23.76 2.89 -11.66
C SER A 476 -24.26 1.59 -12.27
N ALA A 477 -23.86 0.47 -11.69
CA ALA A 477 -24.32 -0.85 -12.14
C ALA A 477 -25.83 -1.02 -11.94
N MET A 478 -26.35 -0.49 -10.83
CA MET A 478 -27.78 -0.55 -10.54
C MET A 478 -28.61 0.25 -11.55
N ALA A 479 -28.14 1.46 -11.88
CA ALA A 479 -28.89 2.39 -12.72
C ALA A 479 -28.77 2.01 -14.19
N LEU A 480 -27.75 1.22 -14.52
CA LEU A 480 -27.57 0.69 -15.86
C LEU A 480 -28.43 -0.55 -16.06
N SER A 481 -28.61 -1.35 -15.00
CA SER A 481 -29.49 -2.52 -15.05
C SER A 481 -30.95 -2.08 -15.05
N VAL A 482 -31.24 -0.97 -14.36
CA VAL A 482 -32.56 -0.35 -14.44
C VAL A 482 -32.78 0.16 -15.85
N LEU A 483 -31.77 0.85 -16.40
CA LEU A 483 -31.83 1.37 -17.77
C LEU A 483 -32.03 0.24 -18.78
N VAL A 484 -31.04 -0.66 -18.88
CA VAL A 484 -31.14 -1.88 -19.69
C VAL A 484 -32.50 -2.58 -19.56
N ALA A 485 -33.08 -2.57 -18.36
CA ALA A 485 -34.39 -3.21 -18.11
C ALA A 485 -35.59 -2.32 -18.44
N LEU A 486 -35.44 -1.00 -18.28
CA LEU A 486 -36.51 -0.06 -18.63
C LEU A 486 -36.57 0.13 -20.15
N ILE A 487 -35.41 0.01 -20.78
CA ILE A 487 -35.26 -0.02 -22.22
C ILE A 487 -35.09 -1.51 -22.56
N LEU A 488 -34.85 -1.83 -23.83
CA LEU A 488 -34.26 -3.12 -24.23
C LEU A 488 -34.97 -4.41 -23.78
N THR A 489 -34.96 -4.74 -22.50
CA THR A 489 -35.62 -5.99 -22.05
C THR A 489 -37.09 -6.01 -22.47
N PRO A 490 -37.86 -4.96 -22.18
CA PRO A 490 -39.07 -4.62 -22.94
C PRO A 490 -39.03 -4.99 -24.43
N ALA A 491 -38.03 -4.49 -25.17
CA ALA A 491 -37.85 -4.84 -26.58
C ALA A 491 -37.70 -6.35 -26.80
N LEU A 492 -36.52 -6.91 -26.48
CA LEU A 492 -36.25 -8.35 -26.65
C LEU A 492 -37.41 -9.26 -26.26
N CYS A 493 -37.97 -9.04 -25.07
CA CYS A 493 -39.12 -9.82 -24.58
C CYS A 493 -40.25 -9.85 -25.60
N ALA A 494 -40.64 -8.67 -26.08
CA ALA A 494 -41.68 -8.54 -27.10
C ALA A 494 -41.17 -9.11 -28.45
N THR A 495 -40.26 -8.37 -29.09
CA THR A 495 -39.53 -8.83 -30.29
C THR A 495 -39.60 -10.34 -30.54
N MET A 496 -39.17 -11.12 -29.56
CA MET A 496 -39.07 -12.57 -29.70
C MET A 496 -39.06 -13.27 -28.32
N LEU A 497 -39.93 -14.25 -28.15
CA LEU A 497 -39.89 -15.12 -26.97
C LEU A 497 -40.32 -16.55 -27.29
N LYS A 498 -41.61 -16.82 -27.42
CA LYS A 498 -42.09 -18.18 -27.67
C LYS A 498 -42.39 -18.40 -29.15
N PHE A 513 -41.86 -33.13 -18.37
CA PHE A 513 -40.87 -33.52 -17.37
C PHE A 513 -41.50 -33.59 -15.97
N GLY A 514 -40.81 -34.29 -15.07
CA GLY A 514 -41.14 -34.23 -13.65
C GLY A 514 -40.95 -32.79 -13.20
N TRP A 515 -39.71 -32.42 -12.93
CA TRP A 515 -39.23 -31.03 -13.04
C TRP A 515 -40.33 -29.94 -12.95
N PHE A 516 -41.17 -29.86 -13.98
CA PHE A 516 -42.29 -28.89 -14.00
C PHE A 516 -43.42 -29.31 -13.07
N ASN A 517 -43.97 -30.51 -13.31
CA ASN A 517 -44.97 -31.12 -12.43
C ASN A 517 -44.60 -30.98 -10.95
N ARG A 518 -43.34 -31.32 -10.64
CA ARG A 518 -42.75 -31.09 -9.31
C ARG A 518 -43.00 -29.68 -8.81
N MET A 519 -42.46 -28.69 -9.53
CA MET A 519 -42.47 -27.28 -9.09
C MET A 519 -43.87 -26.78 -8.75
N PHE A 520 -44.85 -27.09 -9.60
CA PHE A 520 -46.23 -26.66 -9.38
C PHE A 520 -46.89 -27.32 -8.17
N GLU A 521 -46.35 -28.46 -7.74
CA GLU A 521 -46.80 -29.11 -6.49
C GLU A 521 -46.39 -28.26 -5.28
N LYS A 522 -45.08 -28.24 -4.95
CA LYS A 522 -44.59 -27.43 -3.83
C LYS A 522 -45.26 -26.05 -3.78
N SER A 523 -45.15 -25.31 -4.88
CA SER A 523 -45.70 -23.96 -5.00
C SER A 523 -47.18 -23.89 -4.61
N THR A 524 -47.98 -24.81 -5.13
CA THR A 524 -49.43 -24.80 -4.90
C THR A 524 -49.85 -25.34 -3.54
N HIS A 525 -49.20 -26.39 -3.05
CA HIS A 525 -49.64 -27.05 -1.80
C HIS A 525 -49.20 -26.27 -0.54
N HIS A 526 -48.48 -26.78 0.46
CA HIS A 526 -47.11 -27.35 0.47
C HIS A 526 -46.26 -26.13 0.81
N TYR A 527 -46.42 -25.09 -0.03
CA TYR A 527 -45.97 -23.75 0.29
C TYR A 527 -47.21 -22.86 0.51
N THR A 528 -47.92 -22.52 -0.58
CA THR A 528 -49.04 -21.56 -0.55
C THR A 528 -50.19 -21.92 0.42
N ASP A 529 -50.39 -23.21 0.69
CA ASP A 529 -51.37 -23.67 1.68
C ASP A 529 -50.79 -23.54 3.08
N SER A 530 -49.51 -23.87 3.23
CA SER A 530 -48.78 -23.60 4.46
C SER A 530 -48.45 -22.11 4.63
N VAL A 531 -48.87 -21.29 3.66
CA VAL A 531 -48.75 -19.84 3.74
C VAL A 531 -50.06 -19.28 4.30
N GLY A 532 -51.19 -19.91 3.95
CA GLY A 532 -52.44 -19.67 4.64
C GLY A 532 -52.31 -20.12 6.08
N GLY A 533 -51.51 -21.17 6.32
CA GLY A 533 -51.25 -21.70 7.63
C GLY A 533 -50.44 -20.77 8.53
N ILE A 534 -49.42 -20.12 7.98
CA ILE A 534 -48.63 -19.16 8.74
C ILE A 534 -49.49 -17.94 9.09
N LEU A 535 -49.88 -17.18 8.06
CA LEU A 535 -50.80 -16.03 8.19
C LEU A 535 -51.92 -16.20 9.23
N ARG A 536 -52.45 -17.42 9.38
CA ARG A 536 -53.45 -17.70 10.41
C ARG A 536 -52.88 -17.38 11.79
N SER A 537 -51.79 -18.07 12.15
CA SER A 537 -50.98 -17.70 13.30
C SER A 537 -50.26 -16.38 13.03
N THR A 538 -49.71 -15.77 14.08
CA THR A 538 -49.05 -14.46 13.94
C THR A 538 -48.20 -14.14 15.16
N GLY A 539 -48.78 -14.28 16.35
CA GLY A 539 -48.08 -14.04 17.59
C GLY A 539 -46.90 -14.96 17.86
N ARG A 540 -46.92 -16.16 17.28
CA ARG A 540 -45.82 -17.11 17.43
C ARG A 540 -44.63 -16.70 16.56
N TYR A 541 -44.90 -16.35 15.31
CA TYR A 541 -43.86 -16.00 14.35
C TYR A 541 -43.30 -14.59 14.51
N LEU A 542 -43.98 -13.76 15.31
CA LEU A 542 -43.43 -12.46 15.70
C LEU A 542 -42.46 -12.69 16.85
N VAL A 543 -42.88 -13.52 17.81
CA VAL A 543 -41.99 -13.99 18.88
C VAL A 543 -40.74 -14.67 18.32
N LEU A 544 -40.85 -15.25 17.12
CA LEU A 544 -39.70 -15.84 16.43
C LEU A 544 -38.84 -14.78 15.75
N TYR A 545 -39.48 -13.74 15.20
CA TYR A 545 -38.77 -12.63 14.55
C TYR A 545 -37.89 -11.85 15.52
N LEU A 546 -38.39 -11.62 16.73
CA LEU A 546 -37.68 -10.84 17.73
C LEU A 546 -36.57 -11.69 18.35
N ILE A 547 -36.81 -13.00 18.44
CA ILE A 547 -35.78 -13.97 18.85
C ILE A 547 -34.63 -14.01 17.83
N ILE A 548 -34.95 -13.75 16.56
CA ILE A 548 -33.95 -13.68 15.49
C ILE A 548 -33.07 -12.44 15.65
N VAL A 549 -33.68 -11.34 16.08
CA VAL A 549 -32.95 -10.09 16.31
C VAL A 549 -32.00 -10.21 17.51
N VAL A 550 -32.42 -10.95 18.54
CA VAL A 550 -31.56 -11.22 19.71
C VAL A 550 -30.23 -11.80 19.24
N GLY A 551 -30.30 -12.79 18.35
CA GLY A 551 -29.13 -13.42 17.78
C GLY A 551 -28.31 -12.49 16.92
N MET A 552 -28.98 -11.70 16.07
CA MET A 552 -28.32 -10.79 15.13
C MET A 552 -27.38 -9.80 15.83
N ALA A 553 -27.72 -9.43 17.06
CA ALA A 553 -26.84 -8.61 17.90
C ALA A 553 -25.65 -9.45 18.36
N TYR A 554 -25.91 -10.44 19.23
CA TYR A 554 -24.86 -11.30 19.79
C TYR A 554 -23.84 -11.86 18.77
N LEU A 555 -24.30 -12.13 17.55
CA LEU A 555 -23.45 -12.69 16.49
C LEU A 555 -22.70 -11.62 15.68
N PHE A 556 -22.55 -10.44 16.28
CA PHE A 556 -22.05 -9.25 15.57
C PHE A 556 -21.09 -8.50 16.51
N VAL A 557 -21.56 -8.16 17.70
CA VAL A 557 -20.72 -7.64 18.79
C VAL A 557 -19.52 -8.54 19.05
N ARG A 558 -19.76 -9.85 19.10
CA ARG A 558 -18.70 -10.83 19.39
C ARG A 558 -17.83 -11.14 18.16
N LEU A 559 -18.42 -11.05 16.98
CA LEU A 559 -17.65 -11.16 15.73
C LEU A 559 -16.62 -10.03 15.70
N PRO A 560 -15.33 -10.37 15.57
CA PRO A 560 -14.26 -9.38 15.69
C PRO A 560 -14.17 -8.44 14.47
N SER A 561 -13.37 -7.38 14.59
CA SER A 561 -13.27 -6.36 13.56
C SER A 561 -11.85 -6.23 12.99
N SER A 562 -11.71 -6.53 11.70
CA SER A 562 -10.48 -6.29 10.95
C SER A 562 -10.76 -5.20 9.91
N PHE A 563 -9.75 -4.86 9.10
CA PHE A 563 -9.92 -3.90 8.01
C PHE A 563 -9.84 -4.59 6.65
N LEU A 564 -8.76 -5.34 6.43
CA LEU A 564 -8.53 -6.00 5.13
C LEU A 564 -7.61 -7.23 5.29
N PRO A 565 -7.89 -8.30 4.55
CA PRO A 565 -7.11 -9.55 4.68
C PRO A 565 -5.63 -9.40 4.33
N ASP A 566 -4.77 -9.98 5.15
CA ASP A 566 -3.33 -10.07 4.85
C ASP A 566 -3.12 -11.29 3.97
N GLU A 567 -3.00 -11.05 2.66
CA GLU A 567 -3.02 -12.13 1.66
C GLU A 567 -1.64 -12.65 1.28
N ASP A 568 -1.64 -13.84 0.70
CA ASP A 568 -0.47 -14.37 0.00
C ASP A 568 -0.34 -13.56 -1.29
N GLN A 569 0.80 -12.88 -1.45
CA GLN A 569 1.00 -11.97 -2.59
C GLN A 569 2.10 -12.45 -3.55
N GLY A 570 2.46 -13.73 -3.46
CA GLY A 570 3.50 -14.32 -4.29
C GLY A 570 4.88 -13.77 -3.99
N VAL A 571 4.99 -13.03 -2.89
CA VAL A 571 6.18 -12.22 -2.59
C VAL A 571 6.05 -11.75 -1.14
N PHE A 572 6.98 -12.19 -0.29
CA PHE A 572 7.08 -11.70 1.08
C PHE A 572 8.54 -11.34 1.36
N MET A 573 8.83 -10.92 2.59
CA MET A 573 10.21 -10.61 2.98
C MET A 573 10.45 -10.69 4.50
N THR A 574 11.72 -10.54 4.89
CA THR A 574 12.16 -10.77 6.26
C THR A 574 13.36 -9.89 6.60
N MET A 575 13.38 -9.31 7.80
CA MET A 575 14.40 -8.33 8.17
C MET A 575 15.31 -8.80 9.31
N VAL A 576 16.49 -8.18 9.37
CA VAL A 576 17.56 -8.56 10.30
C VAL A 576 17.97 -7.35 11.15
N GLN A 577 18.46 -7.63 12.37
CA GLN A 577 18.86 -6.59 13.30
C GLN A 577 19.81 -7.15 14.37
N LEU A 578 20.96 -6.50 14.53
CA LEU A 578 22.02 -6.94 15.45
C LEU A 578 22.11 -5.96 16.63
N PRO A 579 22.71 -6.40 17.74
CA PRO A 579 22.74 -5.60 18.96
C PRO A 579 23.76 -4.45 18.94
N ALA A 580 23.93 -3.79 20.08
CA ALA A 580 24.80 -2.61 20.22
C ALA A 580 26.16 -2.73 19.53
N GLY A 581 26.33 -1.97 18.44
CA GLY A 581 27.62 -1.79 17.81
C GLY A 581 28.22 -3.02 17.14
N ALA A 582 27.40 -3.79 16.44
CA ALA A 582 27.89 -4.89 15.61
C ALA A 582 28.39 -4.36 14.26
N THR A 583 29.13 -5.20 13.53
CA THR A 583 29.80 -4.78 12.29
C THR A 583 29.15 -5.38 11.04
N GLN A 584 29.72 -5.07 9.89
CA GLN A 584 29.27 -5.62 8.60
C GLN A 584 29.56 -7.12 8.48
N GLU A 585 30.66 -7.56 9.09
CA GLU A 585 31.03 -8.97 9.10
C GLU A 585 30.07 -9.80 9.95
N ARG A 586 29.54 -9.18 11.00
CA ARG A 586 28.67 -9.88 11.96
C ARG A 586 27.27 -10.09 11.40
N THR A 587 26.67 -9.05 10.84
CA THR A 587 25.32 -9.12 10.27
C THR A 587 25.27 -9.97 9.00
N GLN A 588 26.39 -10.08 8.29
CA GLN A 588 26.49 -10.92 7.09
C GLN A 588 26.38 -12.40 7.44
N LYS A 589 26.87 -12.78 8.62
CA LYS A 589 26.73 -14.15 9.12
C LYS A 589 25.26 -14.51 9.33
N VAL A 590 24.46 -13.54 9.76
CA VAL A 590 23.04 -13.77 10.04
C VAL A 590 22.21 -13.83 8.76
N LEU A 591 22.54 -12.98 7.78
CA LEU A 591 21.83 -12.97 6.49
C LEU A 591 22.17 -14.21 5.67
N ASN A 592 23.30 -14.82 5.96
CA ASN A 592 23.74 -16.05 5.30
C ASN A 592 22.93 -17.24 5.81
N GLU A 593 22.83 -17.37 7.14
CA GLU A 593 21.99 -18.39 7.77
C GLU A 593 20.53 -18.29 7.36
N VAL A 594 20.07 -17.07 7.10
CA VAL A 594 18.68 -16.81 6.69
C VAL A 594 18.42 -17.31 5.27
N THR A 595 19.41 -17.13 4.39
CA THR A 595 19.32 -17.55 2.99
C THR A 595 19.23 -19.07 2.85
N HIS A 596 19.74 -19.80 3.83
CA HIS A 596 19.79 -21.26 3.77
C HIS A 596 18.46 -21.90 4.14
N TYR A 597 17.73 -21.31 5.09
CA TYR A 597 16.38 -21.77 5.37
C TYR A 597 15.50 -21.64 4.13
N TYR A 598 15.73 -20.59 3.34
CA TYR A 598 14.93 -20.29 2.16
C TYR A 598 15.42 -20.99 0.89
N LEU A 599 16.58 -21.64 0.94
CA LEU A 599 17.12 -22.38 -0.19
C LEU A 599 17.26 -23.88 0.12
N THR A 600 18.04 -24.21 1.15
CA THR A 600 18.26 -25.61 1.55
C THR A 600 17.02 -26.28 2.18
N LYS A 601 16.28 -25.53 3.02
CA LYS A 601 15.09 -26.07 3.68
C LYS A 601 13.78 -25.59 3.06
N GLU A 602 13.85 -24.99 1.87
CA GLU A 602 12.66 -24.45 1.21
C GLU A 602 12.90 -24.24 -0.29
N LYS A 603 13.22 -25.32 -1.00
CA LYS A 603 13.47 -25.26 -2.44
C LYS A 603 12.16 -25.28 -3.21
N ASN A 604 11.18 -26.03 -2.69
CA ASN A 604 9.88 -26.17 -3.34
C ASN A 604 9.09 -24.87 -3.44
N ASN A 605 9.22 -24.02 -2.42
CA ASN A 605 8.39 -22.81 -2.31
C ASN A 605 9.09 -21.49 -2.62
N VAL A 606 10.42 -21.49 -2.60
CA VAL A 606 11.20 -20.25 -2.84
C VAL A 606 11.93 -20.32 -4.17
N GLU A 607 11.55 -19.44 -5.09
CA GLU A 607 12.25 -19.28 -6.37
C GLU A 607 13.59 -18.56 -6.20
N SER A 608 13.62 -17.53 -5.37
CA SER A 608 14.81 -16.68 -5.22
C SER A 608 14.90 -15.93 -3.89
N VAL A 609 16.06 -15.29 -3.68
CA VAL A 609 16.35 -14.48 -2.50
C VAL A 609 17.22 -13.29 -2.89
N PHE A 610 17.09 -12.18 -2.18
CA PHE A 610 17.83 -10.95 -2.47
C PHE A 610 18.22 -10.23 -1.18
N ALA A 611 19.20 -10.79 -0.46
CA ALA A 611 19.68 -10.22 0.79
C ALA A 611 20.41 -8.90 0.55
N VAL A 612 20.41 -8.03 1.56
CA VAL A 612 21.04 -6.72 1.47
C VAL A 612 21.64 -6.36 2.83
N ASN A 613 22.97 -6.41 2.91
CA ASN A 613 23.68 -6.20 4.17
C ASN A 613 23.71 -4.73 4.57
N GLY A 614 23.12 -4.41 5.71
CA GLY A 614 23.25 -3.11 6.35
C GLY A 614 22.19 -2.10 5.94
N PHE A 615 20.96 -2.57 5.75
CA PHE A 615 19.86 -1.72 5.35
C PHE A 615 18.54 -2.35 5.77
N GLY A 616 18.09 -1.99 6.97
CA GLY A 616 16.79 -2.43 7.47
C GLY A 616 15.73 -1.47 6.97
N PHE A 617 14.47 -1.87 7.14
CA PHE A 617 13.36 -0.98 6.79
C PHE A 617 12.96 -0.09 7.96
N ALA A 618 13.64 -0.26 9.09
CA ALA A 618 13.64 0.75 10.14
C ALA A 618 14.37 1.97 9.57
N GLY A 619 15.66 1.80 9.28
CA GLY A 619 16.47 2.88 8.70
C GLY A 619 17.74 2.40 8.03
N ARG A 620 18.87 2.52 8.72
CA ARG A 620 20.18 2.22 8.13
C ARG A 620 21.25 1.88 9.17
N GLY A 621 22.44 1.52 8.66
CA GLY A 621 23.58 1.17 9.50
C GLY A 621 24.03 -0.26 9.25
N GLN A 622 25.24 -0.59 9.70
CA GLN A 622 25.79 -1.94 9.53
C GLN A 622 25.13 -2.96 10.48
N ASN A 623 24.28 -2.45 11.38
CA ASN A 623 23.56 -3.30 12.34
C ASN A 623 22.35 -4.03 11.74
N THR A 624 22.01 -3.76 10.48
CA THR A 624 20.73 -4.19 9.93
C THR A 624 20.89 -5.08 8.68
N GLY A 625 19.74 -5.47 8.10
CA GLY A 625 19.71 -6.24 6.87
C GLY A 625 18.29 -6.46 6.35
N ILE A 626 18.16 -7.04 5.16
CA ILE A 626 16.85 -7.32 4.57
C ILE A 626 16.95 -8.25 3.34
N ALA A 627 16.36 -9.43 3.47
CA ALA A 627 16.22 -10.37 2.34
C ALA A 627 14.86 -10.21 1.68
N PHE A 628 14.86 -9.95 0.37
CA PHE A 628 13.62 -9.85 -0.41
C PHE A 628 13.34 -11.21 -1.05
N VAL A 629 12.29 -11.87 -0.58
CA VAL A 629 11.93 -13.20 -1.08
C VAL A 629 10.97 -13.09 -2.26
N SER A 630 11.13 -14.02 -3.21
CA SER A 630 10.23 -14.14 -4.35
C SER A 630 9.77 -15.59 -4.43
N LEU A 631 8.55 -15.85 -4.01
CA LEU A 631 8.01 -17.22 -3.97
C LEU A 631 7.76 -17.74 -5.38
N LYS A 632 8.03 -19.04 -5.58
CA LYS A 632 7.63 -19.75 -6.79
C LYS A 632 6.15 -19.50 -7.09
N ASP A 633 5.77 -19.62 -8.36
CA ASP A 633 4.39 -19.37 -8.80
C ASP A 633 3.34 -20.20 -8.04
N TRP A 634 2.10 -19.75 -8.12
CA TRP A 634 1.00 -20.25 -7.28
C TRP A 634 0.60 -21.68 -7.61
N ALA A 635 0.76 -22.07 -8.88
CA ALA A 635 0.41 -23.42 -9.33
C ALA A 635 1.27 -24.49 -8.65
N ASP A 636 2.58 -24.23 -8.55
CA ASP A 636 3.51 -25.17 -7.94
C ASP A 636 3.43 -25.21 -6.40
N ARG A 637 2.75 -24.23 -5.80
CA ARG A 637 2.47 -24.23 -4.36
C ARG A 637 1.04 -24.69 -4.11
N PRO A 638 0.85 -25.95 -3.71
CA PRO A 638 -0.50 -26.53 -3.62
C PRO A 638 -1.26 -26.21 -2.33
N GLY A 639 -0.68 -26.54 -1.18
CA GLY A 639 -1.41 -26.52 0.08
C GLY A 639 -1.32 -25.23 0.87
N GLU A 640 -2.01 -25.21 2.01
CA GLU A 640 -1.91 -24.11 2.98
C GLU A 640 -0.51 -24.12 3.60
N GLU A 641 0.04 -25.33 3.78
CA GLU A 641 1.43 -25.53 4.17
C GLU A 641 2.40 -24.63 3.40
N ASN A 642 2.25 -24.60 2.08
CA ASN A 642 3.16 -23.86 1.19
C ASN A 642 2.63 -22.48 0.78
N LYS A 643 2.02 -21.77 1.74
CA LYS A 643 1.48 -20.43 1.53
C LYS A 643 1.94 -19.52 2.68
N VAL A 644 2.15 -18.23 2.37
CA VAL A 644 2.89 -17.31 3.25
C VAL A 644 2.64 -17.46 4.75
N GLU A 645 1.37 -17.52 5.17
CA GLU A 645 1.04 -17.64 6.60
C GLU A 645 1.83 -18.79 7.26
N ALA A 646 1.81 -19.95 6.61
CA ALA A 646 2.54 -21.12 7.07
C ALA A 646 4.06 -21.02 6.91
N ILE A 647 4.52 -20.40 5.82
CA ILE A 647 5.96 -20.28 5.53
C ILE A 647 6.66 -19.36 6.52
N THR A 648 6.06 -18.19 6.75
CA THR A 648 6.59 -17.21 7.72
C THR A 648 6.40 -17.64 9.17
N MET A 649 5.55 -18.65 9.40
CA MET A 649 5.34 -19.19 10.74
C MET A 649 6.56 -19.99 11.21
N ARG A 650 6.98 -20.95 10.39
CA ARG A 650 8.13 -21.80 10.71
C ARG A 650 9.47 -21.16 10.31
N ALA A 651 9.42 -20.03 9.62
CA ALA A 651 10.62 -19.25 9.31
C ALA A 651 11.04 -18.47 10.57
N THR A 652 10.07 -17.83 11.21
CA THR A 652 10.31 -17.10 12.46
C THR A 652 10.74 -18.00 13.60
N ARG A 653 10.19 -19.22 13.65
CA ARG A 653 10.55 -20.19 14.67
C ARG A 653 12.00 -20.65 14.51
N ALA A 654 12.41 -20.86 13.25
CA ALA A 654 13.77 -21.29 12.94
C ALA A 654 14.81 -20.24 13.27
N PHE A 655 14.47 -18.97 13.07
CA PHE A 655 15.39 -17.85 13.32
C PHE A 655 15.45 -17.46 14.80
N SER A 656 14.46 -17.89 15.57
CA SER A 656 14.43 -17.66 17.02
C SER A 656 15.05 -18.83 17.79
N GLN A 657 15.31 -19.93 17.08
CA GLN A 657 15.81 -21.16 17.70
C GLN A 657 17.33 -21.30 17.56
N ILE A 658 17.82 -21.23 16.32
CA ILE A 658 19.24 -21.42 16.02
C ILE A 658 19.95 -20.11 15.68
N LYS A 659 19.59 -19.03 16.37
CA LYS A 659 20.24 -17.73 16.23
C LYS A 659 20.28 -16.98 17.57
N ASP A 660 21.05 -15.89 17.60
CA ASP A 660 21.23 -15.10 18.82
C ASP A 660 21.20 -13.59 18.58
N ALA A 661 20.54 -13.17 17.49
CA ALA A 661 20.35 -11.75 17.19
C ALA A 661 18.85 -11.44 17.20
N MET A 662 18.34 -10.82 16.13
CA MET A 662 16.91 -10.48 16.04
C MET A 662 16.44 -10.56 14.59
N VAL A 663 15.79 -11.67 14.24
CA VAL A 663 15.27 -11.89 12.90
C VAL A 663 13.80 -12.31 12.97
N PHE A 664 13.00 -11.83 12.01
CA PHE A 664 11.57 -12.11 11.96
C PHE A 664 11.20 -12.74 10.62
N ALA A 665 10.30 -12.07 9.87
CA ALA A 665 9.69 -12.58 8.62
C ALA A 665 8.22 -12.18 8.64
N PHE A 666 7.96 -10.91 8.32
CA PHE A 666 6.62 -10.36 8.39
C PHE A 666 5.86 -10.64 7.10
N ASN A 667 4.53 -10.64 7.19
CA ASN A 667 3.66 -10.84 6.02
C ASN A 667 3.72 -9.61 5.10
N LEU A 668 3.02 -9.69 3.98
CA LEU A 668 2.99 -8.60 3.00
C LEU A 668 1.59 -7.99 2.93
N PRO A 669 1.31 -7.02 3.79
CA PRO A 669 -0.03 -6.41 3.92
C PRO A 669 -0.83 -6.24 2.62
N ALA A 670 -0.27 -5.50 1.67
CA ALA A 670 -1.01 -4.80 0.61
C ALA A 670 -1.20 -3.38 1.16
N ILE A 671 -2.44 -2.95 1.37
CA ILE A 671 -2.75 -1.83 2.28
C ILE A 671 -1.66 -0.74 2.23
N VAL A 672 -1.24 -0.27 3.41
CA VAL A 672 0.06 0.36 3.58
C VAL A 672 0.64 -0.21 4.89
N GLU A 673 1.43 0.55 5.63
CA GLU A 673 1.86 0.10 6.97
C GLU A 673 0.73 0.16 7.99
N LEU A 674 -0.23 1.06 7.77
CA LEU A 674 -1.29 1.34 8.74
C LEU A 674 -2.46 0.36 8.67
N GLY A 675 -3.42 0.57 9.56
CA GLY A 675 -4.63 -0.23 9.61
C GLY A 675 -4.34 -1.68 9.97
N THR A 676 -3.50 -1.88 10.98
CA THR A 676 -3.16 -3.22 11.44
C THR A 676 -4.35 -3.85 12.17
N ALA A 677 -5.17 -3.00 12.80
CA ALA A 677 -6.39 -3.41 13.51
C ALA A 677 -6.04 -4.15 14.80
N THR A 678 -6.64 -3.69 15.91
CA THR A 678 -6.18 -4.03 17.25
C THR A 678 -4.69 -3.66 17.36
N GLY A 679 -4.40 -2.44 16.95
CA GLY A 679 -3.04 -1.92 16.88
C GLY A 679 -2.99 -0.42 16.92
N PHE A 680 -1.93 0.13 17.52
CA PHE A 680 -1.74 1.57 17.63
C PHE A 680 -0.31 2.02 17.40
N ASP A 681 -0.11 3.33 17.35
CA ASP A 681 1.21 3.93 17.24
C ASP A 681 1.25 5.18 18.14
N PHE A 682 1.72 5.00 19.36
CA PHE A 682 1.88 6.11 20.30
C PHE A 682 3.17 6.88 19.98
N GLU A 683 3.27 8.09 20.50
CA GLU A 683 4.50 8.87 20.39
C GLU A 683 4.68 9.78 21.61
N LEU A 684 5.92 9.84 22.10
CA LEU A 684 6.23 10.45 23.38
C LEU A 684 7.06 11.71 23.18
N ILE A 685 6.50 12.86 23.54
CA ILE A 685 7.10 14.16 23.25
C ILE A 685 7.74 14.79 24.49
N ASP A 686 8.88 15.43 24.28
CA ASP A 686 9.52 16.30 25.27
C ASP A 686 9.07 17.72 24.95
N GLN A 687 8.02 18.17 25.63
CA GLN A 687 7.41 19.47 25.35
C GLN A 687 8.20 20.62 26.01
N ALA A 688 8.67 20.39 27.23
CA ALA A 688 9.46 21.39 27.96
C ALA A 688 10.92 21.37 27.51
N GLY A 689 11.79 22.02 28.27
CA GLY A 689 13.21 22.08 27.96
C GLY A 689 14.05 21.00 28.59
N LEU A 690 13.55 19.77 28.61
CA LEU A 690 14.35 18.62 29.04
C LEU A 690 15.23 18.17 27.87
N GLY A 691 16.02 17.11 28.08
CA GLY A 691 16.93 16.61 27.06
C GLY A 691 16.69 15.15 26.70
N HIS A 692 17.68 14.57 26.03
CA HIS A 692 17.62 13.17 25.60
C HIS A 692 17.63 12.21 26.78
N GLU A 693 18.48 12.48 27.77
CA GLU A 693 18.59 11.63 28.96
C GLU A 693 17.33 11.61 29.82
N LYS A 694 16.60 12.73 29.84
CA LYS A 694 15.37 12.84 30.63
C LYS A 694 14.15 12.28 29.89
N LEU A 695 14.21 12.24 28.57
CA LEU A 695 13.12 11.72 27.74
C LEU A 695 13.16 10.19 27.72
N THR A 696 14.36 9.65 27.51
CA THR A 696 14.63 8.21 27.55
C THR A 696 14.09 7.57 28.84
N GLN A 697 14.37 8.21 29.97
CA GLN A 697 13.94 7.72 31.27
C GLN A 697 12.42 7.72 31.42
N ALA A 698 11.77 8.74 30.87
CA ALA A 698 10.31 8.85 30.90
C ALA A 698 9.61 7.78 30.07
N ARG A 699 10.22 7.39 28.95
CA ARG A 699 9.66 6.37 28.06
C ARG A 699 9.81 4.98 28.66
N ASN A 700 10.89 4.77 29.41
CA ASN A 700 11.10 3.52 30.15
C ASN A 700 9.98 3.32 31.17
N GLN A 701 9.53 4.42 31.76
CA GLN A 701 8.44 4.39 32.74
C GLN A 701 7.08 4.12 32.09
N LEU A 702 6.92 4.55 30.84
CA LEU A 702 5.69 4.31 30.09
C LEU A 702 5.58 2.86 29.60
N LEU A 703 6.72 2.29 29.20
CA LEU A 703 6.78 0.90 28.74
C LEU A 703 6.68 -0.08 29.91
N ALA A 704 7.04 0.38 31.12
CA ALA A 704 7.09 -0.47 32.30
C ALA A 704 5.73 -0.50 33.01
N GLU A 705 5.07 0.66 33.08
CA GLU A 705 3.72 0.74 33.63
C GLU A 705 2.72 0.02 32.73
N ALA A 706 3.04 -0.05 31.45
CA ALA A 706 2.25 -0.83 30.48
C ALA A 706 2.38 -2.33 30.78
N ALA A 707 3.60 -2.76 31.08
CA ALA A 707 3.90 -4.18 31.32
C ALA A 707 3.81 -4.59 32.81
N LYS A 708 3.33 -3.70 33.67
CA LYS A 708 3.15 -4.03 35.09
C LYS A 708 1.68 -3.97 35.58
N HIS A 709 0.78 -3.47 34.73
CA HIS A 709 -0.65 -3.72 34.94
C HIS A 709 -1.44 -3.94 33.63
N PRO A 710 -1.05 -4.94 32.84
CA PRO A 710 -1.90 -5.43 31.75
C PRO A 710 -2.49 -6.84 32.06
N MET A 712 -6.47 -7.44 30.62
CA MET A 712 -7.01 -7.67 29.28
C MET A 712 -5.94 -7.04 28.40
N LEU A 713 -4.75 -7.64 28.53
CA LEU A 713 -3.45 -6.95 28.51
C LEU A 713 -3.09 -6.01 27.34
N THR A 714 -1.93 -6.24 26.70
CA THR A 714 -1.26 -5.28 25.82
C THR A 714 0.17 -5.74 25.54
N SER A 715 0.65 -5.48 24.33
CA SER A 715 2.05 -5.69 23.97
C SER A 715 2.66 -4.39 23.46
N VAL A 716 3.88 -4.08 23.90
CA VAL A 716 4.52 -2.79 23.61
C VAL A 716 6.01 -2.93 23.26
N ARG A 717 6.46 -2.15 22.27
CA ARG A 717 7.81 -2.31 21.71
C ARG A 717 8.40 -1.02 21.13
N PRO A 718 9.53 -0.55 21.66
CA PRO A 718 10.27 0.57 21.05
C PRO A 718 11.09 0.15 19.79
N ASN A 719 12.22 -0.53 19.99
CA ASN A 719 13.07 -1.07 18.91
C ASN A 719 13.49 -0.11 17.77
N GLY A 720 13.76 1.14 18.13
CA GLY A 720 14.34 2.11 17.21
C GLY A 720 15.58 2.82 17.75
N LEU A 721 15.64 2.99 19.08
CA LEU A 721 16.66 3.79 19.72
C LEU A 721 17.89 3.01 20.18
N GLU A 722 17.77 1.68 20.25
CA GLU A 722 18.75 0.82 20.95
C GLU A 722 19.76 1.24 22.03
N ASP A 723 20.53 2.28 21.74
CA ASP A 723 21.31 3.04 22.73
C ASP A 723 22.71 2.45 22.93
N THR A 724 23.64 2.92 22.10
CA THR A 724 25.00 2.36 22.05
C THR A 724 26.06 3.45 22.32
N PRO A 725 27.28 3.04 22.70
CA PRO A 725 28.33 4.00 23.06
C PRO A 725 28.94 4.76 21.89
N GLN A 726 29.73 5.78 22.22
CA GLN A 726 30.34 6.68 21.23
C GLN A 726 31.73 7.15 21.73
N PHE A 727 32.66 7.31 20.80
CA PHE A 727 34.05 7.61 21.13
C PHE A 727 34.39 9.10 21.02
N LYS A 728 34.10 9.86 22.07
CA LYS A 728 34.38 11.31 22.08
C LYS A 728 35.88 11.58 22.18
N ILE A 729 36.31 12.65 21.52
CA ILE A 729 37.70 13.08 21.53
C ILE A 729 37.79 14.56 21.91
N ASP A 730 38.08 14.80 23.19
CA ASP A 730 38.24 16.18 23.70
C ASP A 730 39.54 16.79 23.22
N ILE A 731 39.43 17.80 22.37
CA ILE A 731 40.59 18.54 21.87
C ILE A 731 40.78 19.80 22.70
N ASP A 732 41.73 19.74 23.64
CA ASP A 732 42.07 20.89 24.48
C ASP A 732 42.70 21.97 23.62
N GLN A 733 42.00 23.10 23.49
CA GLN A 733 42.37 24.14 22.51
C GLN A 733 43.60 24.94 22.91
N GLU A 734 43.84 25.12 24.20
CA GLU A 734 45.03 25.83 24.67
C GLU A 734 46.31 25.04 24.41
N LYS A 735 46.22 23.71 24.48
CA LYS A 735 47.34 22.84 24.16
C LYS A 735 47.70 22.89 22.67
N ALA A 736 46.68 23.03 21.82
CA ALA A 736 46.87 23.01 20.37
C ALA A 736 47.63 24.23 19.87
N GLN A 737 47.08 25.41 20.10
CA GLN A 737 47.68 26.67 19.64
C GLN A 737 49.01 27.02 20.32
N ALA A 738 49.33 26.34 21.43
CA ALA A 738 50.63 26.48 22.08
C ALA A 738 51.75 25.94 21.17
N LEU A 739 51.59 24.72 20.68
CA LEU A 739 52.60 24.08 19.85
C LEU A 739 52.53 24.54 18.39
N GLY A 740 51.43 25.19 18.02
CA GLY A 740 51.31 25.87 16.73
C GLY A 740 50.43 25.24 15.67
N VAL A 741 49.49 24.38 16.08
CA VAL A 741 48.56 23.76 15.11
C VAL A 741 47.26 24.55 15.03
N SER A 742 46.77 24.75 13.82
CA SER A 742 45.47 25.40 13.60
C SER A 742 44.35 24.42 13.93
N ILE A 743 43.23 24.93 14.43
CA ILE A 743 42.08 24.09 14.76
C ILE A 743 41.32 23.71 13.48
N ASN A 744 41.52 24.48 12.41
CA ASN A 744 41.04 24.08 11.10
C ASN A 744 41.73 22.79 10.66
N ASP A 745 43.06 22.87 10.50
CA ASP A 745 43.88 21.71 10.11
C ASP A 745 43.54 20.42 10.87
N ILE A 746 43.33 20.54 12.18
CA ILE A 746 43.06 19.38 13.04
C ILE A 746 41.70 18.74 12.73
N ASN A 747 40.68 19.57 12.53
CA ASN A 747 39.32 19.09 12.28
C ASN A 747 39.14 18.41 10.91
N THR A 748 39.91 18.83 9.91
CA THR A 748 39.86 18.20 8.58
C THR A 748 40.86 17.05 8.47
N THR A 749 41.65 16.83 9.51
CA THR A 749 42.50 15.64 9.62
C THR A 749 41.68 14.49 10.18
N LEU A 750 40.97 14.74 11.27
CA LEU A 750 40.11 13.75 11.91
C LEU A 750 38.86 13.46 11.07
N GLY A 751 38.41 14.46 10.33
CA GLY A 751 37.18 14.36 9.55
C GLY A 751 37.38 13.71 8.19
N ALA A 752 38.47 14.08 7.51
CA ALA A 752 38.77 13.54 6.18
C ALA A 752 39.54 12.23 6.23
N ALA A 753 39.90 11.76 7.43
CA ALA A 753 40.59 10.49 7.59
C ALA A 753 39.62 9.39 7.99
N TRP A 754 38.84 9.64 9.05
CA TRP A 754 37.96 8.63 9.62
C TRP A 754 36.60 8.59 8.93
N GLY A 755 36.01 9.77 8.72
CA GLY A 755 34.68 9.87 8.15
C GLY A 755 34.62 10.01 6.65
N GLY A 756 35.72 10.46 6.04
CA GLY A 756 35.77 10.73 4.62
C GLY A 756 35.33 12.15 4.31
N SER A 757 35.74 12.64 3.14
CA SER A 757 35.44 14.01 2.74
C SER A 757 35.32 14.14 1.22
N TYR A 758 34.16 14.62 0.76
CA TYR A 758 33.90 14.85 -0.65
C TYR A 758 34.72 16.05 -1.12
N VAL A 759 35.75 15.78 -1.92
CA VAL A 759 36.74 16.78 -2.30
C VAL A 759 36.36 17.53 -3.58
N ASN A 760 36.22 16.78 -4.68
CA ASN A 760 36.10 17.36 -6.01
C ASN A 760 35.62 16.33 -7.04
N ASP A 761 35.03 16.80 -8.14
CA ASP A 761 34.53 15.90 -9.19
C ASP A 761 35.60 15.62 -10.25
N PHE A 762 35.56 14.40 -10.80
CA PHE A 762 36.41 13.99 -11.92
C PHE A 762 35.57 13.33 -13.00
N ILE A 763 36.21 12.70 -13.99
CA ILE A 763 35.50 12.03 -15.08
C ILE A 763 36.06 10.62 -15.31
N ASP A 764 35.21 9.61 -15.12
CA ASP A 764 35.54 8.22 -15.42
C ASP A 764 34.69 7.71 -16.59
N ARG A 765 35.34 7.51 -17.74
CA ARG A 765 34.70 6.88 -18.89
C ARG A 765 33.53 7.71 -19.45
N GLY A 766 33.66 9.03 -19.40
CA GLY A 766 32.65 9.94 -19.93
C GLY A 766 31.76 10.57 -18.87
N ARG A 767 31.35 9.78 -17.88
CA ARG A 767 30.40 10.22 -16.86
C ARG A 767 31.11 10.85 -15.66
N VAL A 768 30.65 12.04 -15.25
CA VAL A 768 31.20 12.72 -14.09
C VAL A 768 30.80 12.01 -12.79
N LYS A 769 31.79 11.55 -12.04
CA LYS A 769 31.57 10.92 -10.74
C LYS A 769 32.29 11.73 -9.66
N LYS A 770 32.48 11.16 -8.47
CA LYS A 770 33.05 11.88 -7.34
C LYS A 770 34.43 11.35 -6.95
N VAL A 771 35.20 12.18 -6.27
CA VAL A 771 36.49 11.80 -5.70
C VAL A 771 36.37 11.90 -4.19
N TYR A 772 36.69 10.80 -3.49
CA TYR A 772 36.62 10.76 -2.04
C TYR A 772 37.99 10.46 -1.43
N VAL A 773 38.22 10.99 -0.23
CA VAL A 773 39.50 10.86 0.47
C VAL A 773 39.24 10.42 1.92
N MET A 774 39.89 9.34 2.35
CA MET A 774 39.69 8.79 3.69
C MET A 774 40.97 8.15 4.26
N SER A 775 41.12 6.82 4.16
CA SER A 775 42.30 6.12 4.71
C SER A 775 42.24 4.62 4.46
N GLU A 776 43.40 3.97 4.41
CA GLU A 776 43.44 2.52 4.44
C GLU A 776 42.73 2.07 5.71
N ALA A 777 41.91 1.03 5.61
CA ALA A 777 41.02 0.63 6.70
C ALA A 777 41.73 0.38 8.03
N LYS A 778 42.94 -0.19 7.97
CA LYS A 778 43.65 -0.63 9.18
C LYS A 778 44.14 0.51 10.10
N TYR A 779 44.21 1.73 9.58
CA TYR A 779 44.60 2.90 10.38
C TYR A 779 43.41 3.66 10.96
N ARG A 780 42.26 2.99 11.05
CA ARG A 780 41.05 3.60 11.59
C ARG A 780 39.99 2.55 11.95
N MET A 781 40.37 1.62 12.82
CA MET A 781 39.48 0.57 13.30
C MET A 781 39.18 0.66 14.79
N LEU A 782 40.19 1.01 15.60
CA LEU A 782 40.05 1.03 17.06
C LEU A 782 40.53 2.38 17.66
N PRO A 783 40.36 2.54 18.97
CA PRO A 783 40.75 3.79 19.67
C PRO A 783 42.22 4.19 19.55
N ASP A 784 43.13 3.23 19.53
CA ASP A 784 44.57 3.51 19.60
C ASP A 784 45.17 4.08 18.32
N ASP A 785 44.43 4.02 17.21
CA ASP A 785 44.92 4.52 15.92
C ASP A 785 44.72 6.02 15.73
N ILE A 786 44.21 6.70 16.76
CA ILE A 786 44.07 8.16 16.73
C ILE A 786 45.45 8.83 16.73
N GLY A 787 46.34 8.32 17.58
CA GLY A 787 47.68 8.87 17.71
C GLY A 787 48.63 8.61 16.54
N ASP A 788 48.22 7.75 15.60
CA ASP A 788 49.01 7.47 14.41
C ASP A 788 49.04 8.66 13.43
N TRP A 789 48.03 9.53 13.51
CA TRP A 789 47.93 10.69 12.64
C TRP A 789 48.69 11.88 13.21
N TYR A 790 49.57 12.47 12.39
CA TYR A 790 50.38 13.61 12.79
C TYR A 790 50.01 14.86 11.99
N VAL A 791 49.48 15.88 12.67
CA VAL A 791 49.18 17.17 12.04
C VAL A 791 50.45 18.01 11.97
N ARG A 792 50.47 19.01 11.08
CA ARG A 792 51.60 19.92 10.96
C ARG A 792 51.34 21.24 11.68
N ALA A 793 52.28 21.64 12.53
CA ALA A 793 52.22 22.92 13.24
C ALA A 793 53.10 23.96 12.54
N ALA A 794 52.60 25.19 12.46
CA ALA A 794 53.36 26.38 12.04
C ALA A 794 54.88 26.22 11.86
N ASP A 795 55.57 25.79 12.91
CA ASP A 795 57.04 25.79 12.94
C ASP A 795 57.73 24.64 12.17
N GLY A 796 56.99 23.94 11.31
CA GLY A 796 57.56 22.94 10.43
C GLY A 796 57.66 21.51 10.95
N GLN A 797 57.51 21.30 12.26
CA GLN A 797 57.64 19.96 12.85
C GLN A 797 56.28 19.27 13.00
N MET A 798 56.31 17.94 13.10
CA MET A 798 55.09 17.15 13.24
C MET A 798 54.64 17.08 14.70
N VAL A 799 53.35 16.82 14.88
CA VAL A 799 52.71 16.76 16.19
C VAL A 799 51.64 15.67 16.18
N PRO A 800 51.71 14.71 17.09
CA PRO A 800 50.73 13.61 17.13
C PRO A 800 49.38 14.07 17.68
N PHE A 801 48.36 13.23 17.51
CA PHE A 801 47.03 13.52 18.06
C PHE A 801 47.02 13.34 19.57
N SER A 802 47.77 12.35 20.07
CA SER A 802 47.90 12.11 21.50
C SER A 802 48.40 13.33 22.31
N ALA A 803 49.07 14.27 21.62
CA ALA A 803 49.54 15.50 22.24
C ALA A 803 48.41 16.34 22.84
N PHE A 804 47.43 16.69 22.01
CA PHE A 804 46.34 17.59 22.41
C PHE A 804 45.02 16.87 22.72
N SER A 805 44.77 15.75 22.04
CA SER A 805 43.52 15.00 22.19
C SER A 805 43.45 14.23 23.52
N SER A 806 42.29 13.64 23.78
CA SER A 806 42.05 12.85 25.00
C SER A 806 40.89 11.89 24.81
N SER A 807 41.17 10.59 24.94
CA SER A 807 40.19 9.55 24.65
C SER A 807 39.31 9.17 25.85
N ARG A 808 38.01 9.01 25.60
CA ARG A 808 37.06 8.51 26.59
C ARG A 808 35.71 8.17 25.96
N TRP A 809 35.07 7.11 26.46
CA TRP A 809 33.78 6.66 25.92
C TRP A 809 32.61 7.41 26.57
N GLU A 810 31.44 7.31 25.95
CA GLU A 810 30.26 8.09 26.34
C GLU A 810 28.98 7.55 25.68
N TYR A 811 27.89 7.48 26.46
CA TYR A 811 26.65 6.91 25.97
C TYR A 811 25.80 7.91 25.19
N GLY A 812 25.44 7.55 23.97
CA GLY A 812 24.52 8.32 23.15
C GLY A 812 23.51 7.43 22.44
N SER A 813 22.90 7.95 21.38
CA SER A 813 21.87 7.22 20.64
C SER A 813 22.09 7.34 19.12
N PRO A 814 22.05 6.22 18.41
CA PRO A 814 22.22 6.22 16.94
C PRO A 814 20.92 6.49 16.15
N ARG A 815 19.88 6.99 16.81
CA ARG A 815 18.63 7.33 16.13
C ARG A 815 17.83 8.35 16.95
N LEU A 816 18.21 9.62 16.81
CA LEU A 816 17.46 10.72 17.41
C LEU A 816 16.26 11.06 16.53
N GLU A 817 15.06 10.79 17.02
CA GLU A 817 13.84 11.12 16.30
C GLU A 817 13.24 12.39 16.90
N ARG A 818 12.47 13.13 16.10
CA ARG A 818 11.78 14.35 16.56
C ARG A 818 10.42 14.51 15.90
N TYR A 819 9.39 14.72 16.71
CA TYR A 819 8.03 14.94 16.22
C TYR A 819 7.58 16.41 16.36
N ASN A 820 7.33 17.04 15.21
CA ASN A 820 6.76 18.39 15.14
C ASN A 820 7.62 19.46 15.81
N GLY A 821 8.85 19.60 15.34
CA GLY A 821 9.77 20.61 15.83
C GLY A 821 10.38 20.33 17.20
N LEU A 822 10.00 19.22 17.81
CA LEU A 822 10.44 18.88 19.17
C LEU A 822 10.98 17.45 19.24
N PRO A 823 11.91 17.17 20.14
CA PRO A 823 12.44 15.81 20.33
C PRO A 823 11.34 14.82 20.73
N SER A 824 11.44 13.58 20.26
CA SER A 824 10.41 12.56 20.53
C SER A 824 10.92 11.14 20.25
N MET A 825 10.27 10.16 20.86
CA MET A 825 10.64 8.75 20.72
C MET A 825 9.40 7.89 20.46
N GLU A 826 9.49 7.01 19.47
CA GLU A 826 8.34 6.23 19.03
C GLU A 826 8.02 5.06 19.97
N ILE A 827 6.73 4.81 20.13
CA ILE A 827 6.20 3.70 20.93
C ILE A 827 5.23 2.94 20.02
N LEU A 828 5.45 1.63 19.86
CA LEU A 828 4.78 0.87 18.81
C LEU A 828 4.02 -0.35 19.35
N GLY A 829 3.24 -0.13 20.40
CA GLY A 829 2.45 -1.20 20.98
C GLY A 829 1.24 -1.56 20.14
N GLN A 830 0.95 -2.86 20.04
CA GLN A 830 -0.30 -3.34 19.46
C GLN A 830 -1.30 -3.57 20.58
N ALA A 831 -2.57 -3.31 20.32
CA ALA A 831 -3.63 -3.56 21.30
C ALA A 831 -3.72 -5.05 21.65
N ALA A 832 -4.38 -5.33 22.77
CA ALA A 832 -4.48 -6.69 23.30
C ALA A 832 -5.27 -7.61 22.38
N PRO A 833 -5.10 -8.93 22.55
CA PRO A 833 -5.93 -9.90 21.83
C PRO A 833 -7.38 -9.93 22.34
N GLY A 834 -7.62 -9.41 23.54
CA GLY A 834 -8.96 -9.25 24.09
C GLY A 834 -9.58 -7.91 23.69
N LYS A 835 -8.93 -6.83 24.12
CA LYS A 835 -9.38 -5.47 23.81
C LYS A 835 -9.16 -5.13 22.33
N SER A 836 -9.56 -3.92 21.92
CA SER A 836 -9.44 -3.52 20.50
C SER A 836 -9.35 -2.00 20.30
N THR A 837 -8.12 -1.49 20.28
CA THR A 837 -7.79 -0.14 19.81
C THR A 837 -8.36 1.01 20.66
N GLY A 838 -9.64 1.33 20.49
CA GLY A 838 -10.27 2.40 21.26
C GLY A 838 -10.08 2.26 22.76
N GLU A 839 -10.10 1.01 23.25
CA GLU A 839 -9.84 0.72 24.67
C GLU A 839 -8.36 0.83 25.00
N ALA A 840 -7.50 0.31 24.13
CA ALA A 840 -6.05 0.28 24.37
C ALA A 840 -5.44 1.68 24.40
N MET A 841 -5.79 2.51 23.43
CA MET A 841 -5.28 3.87 23.32
C MET A 841 -5.65 4.74 24.51
N GLU A 842 -6.88 4.59 25.01
CA GLU A 842 -7.35 5.40 26.13
C GLU A 842 -6.82 4.91 27.50
N LEU A 843 -6.37 3.66 27.56
CA LEU A 843 -5.69 3.12 28.74
C LEU A 843 -4.17 3.18 28.57
N MET A 844 -3.73 3.94 27.57
CA MET A 844 -2.34 4.39 27.45
C MET A 844 -2.23 5.90 27.64
N GLU A 845 -3.36 6.61 27.53
CA GLU A 845 -3.40 8.07 27.70
C GLU A 845 -3.27 8.46 29.18
N GLN A 846 -3.90 7.68 30.07
CA GLN A 846 -3.79 7.92 31.51
C GLN A 846 -2.43 7.47 32.08
N LEU A 847 -1.65 6.71 31.30
CA LEU A 847 -0.29 6.37 31.68
C LEU A 847 0.66 7.51 31.31
N ALA A 848 0.32 8.24 30.25
CA ALA A 848 1.12 9.37 29.79
C ALA A 848 0.98 10.59 30.70
N SER A 849 -0.19 10.75 31.32
CA SER A 849 -0.44 11.86 32.25
C SER A 849 0.13 11.59 33.64
N LYS A 850 0.46 10.34 33.93
CA LYS A 850 1.10 9.97 35.21
C LYS A 850 2.62 10.16 35.17
N LEU A 851 3.16 10.50 34.00
CA LEU A 851 4.60 10.68 33.80
C LEU A 851 5.07 12.04 34.35
N PRO A 852 6.39 12.25 34.44
CA PRO A 852 6.94 13.49 35.01
C PRO A 852 6.61 14.77 34.22
N THR A 853 7.12 15.90 34.71
CA THR A 853 6.82 17.21 34.13
C THR A 853 7.58 17.43 32.83
N GLY A 854 6.97 18.18 31.92
CA GLY A 854 7.55 18.46 30.62
C GLY A 854 7.55 17.26 29.70
N VAL A 855 6.56 16.38 29.89
CA VAL A 855 6.44 15.16 29.10
C VAL A 855 4.98 14.96 28.70
N GLY A 856 4.65 15.37 27.49
CA GLY A 856 3.31 15.20 26.94
C GLY A 856 3.26 14.04 25.97
N TYR A 857 2.26 14.07 25.07
CA TYR A 857 2.15 13.07 24.02
C TYR A 857 1.30 13.53 22.84
N ASP A 858 1.39 12.77 21.75
CA ASP A 858 0.65 13.04 20.53
C ASP A 858 0.59 11.77 19.69
N TRP A 859 -0.59 11.48 19.14
CA TRP A 859 -0.79 10.23 18.40
C TRP A 859 -0.31 10.35 16.96
N THR A 860 0.95 9.99 16.73
CA THR A 860 1.39 9.69 15.37
C THR A 860 0.77 8.33 15.09
N GLY A 861 0.15 8.15 13.93
CA GLY A 861 0.28 9.06 12.80
C GLY A 861 0.74 8.29 11.58
N SER A 863 -2.22 6.47 11.33
CA SER A 863 -3.16 5.90 12.30
C SER A 863 -3.60 7.11 13.13
N TYR A 864 -4.56 7.89 12.63
CA TYR A 864 -5.44 7.51 11.52
C TYR A 864 -6.13 8.78 11.02
N GLN A 865 -7.43 8.87 11.27
CA GLN A 865 -8.07 10.11 11.74
C GLN A 865 -9.58 9.94 12.07
N GLU A 866 -10.21 8.92 11.47
CA GLU A 866 -11.46 8.35 11.98
C GLU A 866 -11.85 7.07 11.20
N ARG A 867 -12.11 5.98 11.93
CA ARG A 867 -12.18 4.65 11.32
C ARG A 867 -13.57 4.27 10.76
N LEU A 868 -13.83 2.97 10.62
CA LEU A 868 -14.61 2.44 9.50
C LEU A 868 -15.82 1.61 9.95
N SER A 869 -15.55 0.52 10.67
CA SER A 869 -16.60 -0.15 11.44
C SER A 869 -16.75 0.62 12.75
N GLY A 870 -15.67 1.28 13.16
CA GLY A 870 -15.72 2.33 14.17
C GLY A 870 -16.43 3.55 13.60
N ASN A 871 -16.95 4.40 14.49
CA ASN A 871 -17.68 5.64 14.15
C ASN A 871 -18.37 5.71 12.78
N GLN A 872 -17.58 5.78 11.70
CA GLN A 872 -18.12 5.85 10.33
C GLN A 872 -19.33 4.95 10.07
N ALA A 873 -19.14 3.63 10.21
CA ALA A 873 -20.17 2.65 9.81
C ALA A 873 -21.58 3.06 10.26
N PRO A 874 -21.77 3.32 11.56
CA PRO A 874 -22.97 4.02 12.05
C PRO A 874 -23.47 5.14 11.12
N SER A 875 -23.03 6.40 11.30
CA SER A 875 -23.39 7.54 10.44
C SER A 875 -23.82 7.22 8.99
N LEU A 876 -23.13 6.30 8.32
CA LEU A 876 -23.48 5.94 6.94
C LEU A 876 -24.75 5.10 6.92
N TYR A 877 -24.73 3.97 7.62
CA TYR A 877 -25.92 3.11 7.79
C TYR A 877 -27.13 3.90 8.26
N ALA A 878 -26.92 4.79 9.22
CA ALA A 878 -27.95 5.70 9.72
C ALA A 878 -28.70 6.37 8.56
N ILE A 879 -28.00 7.17 7.77
CA ILE A 879 -28.59 7.84 6.60
C ILE A 879 -29.16 6.83 5.60
N SER A 880 -28.48 5.69 5.45
CA SER A 880 -28.91 4.65 4.51
C SER A 880 -30.33 4.15 4.79
N LEU A 881 -30.72 4.16 6.07
CA LEU A 881 -32.11 3.92 6.46
C LEU A 881 -32.94 5.15 6.08
N ILE A 882 -32.55 6.31 6.62
CA ILE A 882 -33.25 7.58 6.40
C ILE A 882 -33.77 7.76 4.97
N VAL A 883 -32.97 7.38 3.97
CA VAL A 883 -33.39 7.48 2.57
C VAL A 883 -34.28 6.30 2.18
N VAL A 884 -33.80 5.09 2.40
CA VAL A 884 -34.54 3.87 2.04
C VAL A 884 -36.05 4.01 2.32
N PHE A 885 -36.37 4.60 3.46
CA PHE A 885 -37.75 4.87 3.86
C PHE A 885 -38.40 5.96 3.00
N LEU A 886 -37.70 7.09 2.88
CA LEU A 886 -38.16 8.22 2.05
C LEU A 886 -38.57 7.80 0.65
N CYS A 887 -37.64 7.18 -0.08
CA CYS A 887 -37.89 6.74 -1.46
C CYS A 887 -38.86 5.56 -1.55
N LEU A 888 -39.05 4.81 -0.46
CA LEU A 888 -40.12 3.83 -0.35
C LEU A 888 -41.35 4.53 0.23
N ALA A 889 -41.94 5.40 -0.60
CA ALA A 889 -42.97 6.36 -0.23
C ALA A 889 -43.11 7.35 -1.39
N ALA A 890 -41.98 7.63 -2.04
CA ALA A 890 -41.96 8.32 -3.33
C ALA A 890 -42.57 7.49 -4.46
N LEU A 891 -42.86 6.21 -4.20
CA LEU A 891 -43.54 5.34 -5.16
C LEU A 891 -44.64 4.47 -4.51
N TYR A 892 -45.05 4.79 -3.27
CA TYR A 892 -45.86 3.84 -2.47
C TYR A 892 -47.05 4.43 -1.71
N GLU A 893 -46.84 5.52 -0.98
CA GLU A 893 -47.92 6.23 -0.25
C GLU A 893 -48.54 5.42 0.89
N SER A 894 -48.09 5.67 2.12
CA SER A 894 -48.62 5.00 3.32
C SER A 894 -47.88 5.46 4.59
N TRP A 895 -48.06 4.70 5.67
CA TRP A 895 -47.07 4.58 6.75
C TRP A 895 -47.10 3.12 7.22
N SER A 896 -46.86 2.22 6.28
CA SER A 896 -46.95 0.78 6.51
C SER A 896 -46.06 -0.02 5.55
N ILE A 897 -46.16 0.30 4.26
CA ILE A 897 -45.30 -0.27 3.22
C ILE A 897 -43.81 -0.26 3.57
N PRO A 898 -43.27 0.90 3.97
CA PRO A 898 -41.83 1.01 4.14
C PRO A 898 -41.34 0.11 5.27
N PHE A 899 -42.05 0.12 6.40
CA PHE A 899 -41.72 -0.73 7.54
C PHE A 899 -41.51 -2.19 7.15
N SER A 900 -42.37 -2.72 6.29
CA SER A 900 -42.25 -4.11 5.81
C SER A 900 -40.88 -4.40 5.22
N VAL A 901 -40.47 -3.59 4.25
CA VAL A 901 -39.13 -3.69 3.65
C VAL A 901 -38.04 -3.29 4.66
N MET A 902 -38.40 -2.43 5.61
CA MET A 902 -37.46 -1.91 6.60
C MET A 902 -37.26 -2.83 7.83
N LEU A 903 -37.86 -4.03 7.81
CA LEU A 903 -37.48 -5.08 8.75
C LEU A 903 -37.25 -6.45 8.07
N VAL A 904 -36.96 -6.43 6.77
CA VAL A 904 -36.36 -7.60 6.12
C VAL A 904 -34.87 -7.57 6.41
N VAL A 905 -34.32 -6.35 6.45
CA VAL A 905 -32.95 -6.09 6.90
C VAL A 905 -32.31 -7.21 7.76
N PRO A 906 -32.83 -7.48 8.97
CA PRO A 906 -32.20 -8.49 9.85
C PRO A 906 -32.35 -9.94 9.39
N LEU A 907 -33.36 -10.26 8.59
CA LEU A 907 -33.49 -11.59 7.98
C LEU A 907 -32.19 -11.99 7.30
N GLY A 908 -31.76 -11.18 6.33
CA GLY A 908 -30.57 -11.47 5.56
C GLY A 908 -29.26 -11.25 6.31
N VAL A 909 -29.29 -10.49 7.40
CA VAL A 909 -28.08 -10.17 8.15
C VAL A 909 -27.61 -11.31 9.05
N ILE A 910 -28.53 -11.95 9.78
CA ILE A 910 -28.18 -13.08 10.65
C ILE A 910 -27.59 -14.25 9.85
N GLY A 911 -27.97 -14.36 8.59
CA GLY A 911 -27.37 -15.32 7.69
C GLY A 911 -25.93 -14.96 7.32
N ALA A 912 -25.71 -13.68 7.02
CA ALA A 912 -24.36 -13.18 6.70
C ALA A 912 -23.41 -13.32 7.89
N LEU A 913 -23.90 -12.97 9.08
CA LEU A 913 -23.14 -13.14 10.32
C LEU A 913 -22.88 -14.61 10.65
N LEU A 914 -23.82 -15.48 10.27
CA LEU A 914 -23.67 -16.91 10.56
C LEU A 914 -22.45 -17.46 9.83
N ALA A 915 -22.47 -17.39 8.50
CA ALA A 915 -21.34 -17.82 7.66
C ALA A 915 -20.01 -17.18 8.09
N ALA A 916 -20.02 -15.86 8.29
CA ALA A 916 -18.82 -15.10 8.66
C ALA A 916 -18.23 -15.55 9.99
N THR A 917 -19.06 -15.50 11.04
CA THR A 917 -18.65 -15.94 12.39
C THR A 917 -18.29 -17.42 12.47
N PHE A 918 -18.89 -18.25 11.60
CA PHE A 918 -18.72 -19.70 11.66
C PHE A 918 -17.37 -20.12 11.11
N ARG A 919 -17.18 -19.95 9.79
CA ARG A 919 -15.86 -20.09 9.19
C ARG A 919 -14.94 -19.00 9.75
N GLY A 920 -13.63 -19.13 9.52
CA GLY A 920 -12.65 -18.27 10.17
C GLY A 920 -12.44 -16.90 9.55
N LEU A 921 -13.52 -16.23 9.15
CA LEU A 921 -13.46 -14.87 8.61
C LEU A 921 -13.92 -13.86 9.66
N THR A 922 -14.11 -12.60 9.25
CA THR A 922 -14.39 -11.51 10.18
C THR A 922 -15.04 -10.30 9.51
N ASN A 923 -15.58 -9.39 10.32
CA ASN A 923 -16.11 -8.11 9.84
C ASN A 923 -15.00 -7.20 9.34
N ASP A 924 -14.67 -7.33 8.05
CA ASP A 924 -13.68 -6.48 7.40
C ASP A 924 -14.41 -5.63 6.36
N VAL A 925 -13.73 -5.24 5.28
CA VAL A 925 -14.35 -4.42 4.24
C VAL A 925 -15.31 -5.25 3.39
N TYR A 926 -14.84 -6.41 2.93
CA TYR A 926 -15.61 -7.28 2.06
C TYR A 926 -16.91 -7.79 2.69
N PHE A 927 -16.91 -7.96 4.01
CA PHE A 927 -18.13 -8.31 4.74
C PHE A 927 -19.05 -7.09 4.86
N GLN A 928 -18.44 -5.93 5.06
CA GLN A 928 -19.17 -4.66 5.19
C GLN A 928 -19.75 -4.13 3.87
N VAL A 929 -19.61 -4.88 2.77
CA VAL A 929 -20.23 -4.51 1.49
C VAL A 929 -21.15 -5.60 0.93
N GLY A 930 -20.91 -6.86 1.32
CA GLY A 930 -21.87 -7.92 1.10
C GLY A 930 -23.10 -7.73 1.96
N LEU A 931 -22.95 -6.98 3.05
CA LEU A 931 -24.07 -6.61 3.93
C LEU A 931 -25.06 -5.68 3.21
N LEU A 932 -24.53 -4.64 2.58
CA LEU A 932 -25.36 -3.63 1.92
C LEU A 932 -25.92 -4.10 0.57
N THR A 933 -25.20 -5.02 -0.07
CA THR A 933 -25.69 -5.71 -1.27
C THR A 933 -26.94 -6.54 -0.95
N THR A 934 -27.09 -6.91 0.33
CA THR A 934 -28.11 -7.87 0.76
C THR A 934 -29.39 -7.15 1.18
N ILE A 935 -29.26 -5.95 1.76
CA ILE A 935 -30.41 -5.09 2.03
C ILE A 935 -30.98 -4.55 0.71
N GLY A 936 -30.14 -4.51 -0.32
CA GLY A 936 -30.59 -4.22 -1.67
C GLY A 936 -31.33 -5.41 -2.27
N LEU A 937 -30.85 -6.61 -1.99
CA LEU A 937 -31.49 -7.85 -2.45
C LEU A 937 -32.66 -8.27 -1.56
N SER A 938 -32.79 -7.65 -0.39
CA SER A 938 -33.86 -7.98 0.55
C SER A 938 -35.06 -7.11 0.23
N ALA A 939 -34.82 -5.81 0.08
CA ALA A 939 -35.83 -4.89 -0.41
C ALA A 939 -36.30 -5.30 -1.80
N LYS A 940 -35.37 -5.79 -2.63
CA LYS A 940 -35.72 -6.33 -3.95
C LYS A 940 -36.81 -7.40 -3.81
N ASN A 941 -36.43 -8.59 -3.33
CA ASN A 941 -37.38 -9.68 -3.07
C ASN A 941 -38.67 -9.20 -2.42
N ALA A 942 -38.55 -8.42 -1.35
CA ALA A 942 -39.70 -7.88 -0.63
C ALA A 942 -40.57 -6.99 -1.50
N ILE A 943 -40.05 -5.84 -1.92
CA ILE A 943 -40.74 -4.96 -2.88
C ILE A 943 -41.58 -5.70 -3.94
N LEU A 944 -41.10 -6.85 -4.41
CA LEU A 944 -41.90 -7.68 -5.31
C LEU A 944 -43.13 -8.22 -4.58
N ILE A 945 -42.90 -8.81 -3.41
CA ILE A 945 -43.97 -9.24 -2.50
C ILE A 945 -45.01 -8.13 -2.24
N VAL A 946 -44.53 -6.91 -2.05
CA VAL A 946 -45.39 -5.76 -1.76
C VAL A 946 -46.07 -5.24 -3.02
N GLU A 947 -45.31 -4.63 -3.92
CA GLU A 947 -45.81 -4.07 -5.19
C GLU A 947 -46.93 -4.89 -5.84
N PHE A 948 -46.65 -6.16 -6.13
CA PHE A 948 -47.62 -7.04 -6.78
C PHE A 948 -48.89 -7.19 -5.95
N ALA A 949 -48.73 -7.44 -4.65
CA ALA A 949 -49.86 -7.62 -3.73
C ALA A 949 -50.66 -6.34 -3.47
N LYS A 950 -50.04 -5.18 -3.70
CA LYS A 950 -50.69 -3.88 -3.46
C LYS A 950 -51.21 -3.29 -4.78
N ASP A 951 -50.88 -3.96 -5.89
CA ASP A 951 -51.57 -3.73 -7.16
C ASP A 951 -52.88 -4.51 -7.10
N LEU A 952 -52.83 -5.70 -6.50
CA LEU A 952 -54.02 -6.53 -6.35
C LEU A 952 -54.97 -5.91 -5.33
N MET A 953 -54.44 -5.62 -4.14
CA MET A 953 -55.18 -4.92 -3.09
C MET A 953 -55.88 -3.68 -3.65
N ASP A 954 -55.15 -2.91 -4.43
CA ASP A 954 -55.74 -1.80 -5.20
C ASP A 954 -56.60 -1.99 -6.46
N LYS A 955 -56.07 -1.57 -7.62
CA LYS A 955 -56.72 -1.76 -8.92
C LYS A 955 -57.68 -2.97 -9.01
N GLU A 956 -57.26 -4.13 -8.52
CA GLU A 956 -58.13 -5.33 -8.50
C GLU A 956 -59.05 -5.32 -7.27
N GLY A 957 -58.92 -6.30 -6.38
CA GLY A 957 -59.80 -6.43 -5.22
C GLY A 957 -59.06 -6.42 -3.89
N LYS A 958 -59.81 -6.30 -2.79
CA LYS A 958 -59.22 -6.16 -1.45
C LYS A 958 -58.21 -7.26 -1.12
N GLY A 959 -58.71 -8.48 -0.89
CA GLY A 959 -57.87 -9.57 -0.43
C GLY A 959 -57.24 -9.25 0.91
N LEU A 960 -58.09 -9.01 1.91
CA LEU A 960 -57.64 -8.73 3.28
C LEU A 960 -56.40 -9.54 3.65
N ILE A 961 -56.49 -10.86 3.53
CA ILE A 961 -55.33 -11.74 3.56
C ILE A 961 -55.19 -12.58 2.29
N GLU A 962 -56.12 -12.41 1.34
CA GLU A 962 -56.11 -13.13 0.08
C GLU A 962 -55.64 -12.27 -1.09
N ALA A 963 -54.78 -11.29 -0.80
CA ALA A 963 -54.07 -10.51 -1.81
C ALA A 963 -52.57 -10.73 -1.64
N THR A 964 -52.10 -10.62 -0.39
CA THR A 964 -50.75 -11.04 -0.03
C THR A 964 -50.52 -12.50 -0.39
N LEU A 965 -51.55 -13.33 -0.18
CA LEU A 965 -51.48 -14.75 -0.53
C LEU A 965 -51.54 -14.94 -2.05
N ASP A 966 -52.49 -14.27 -2.70
CA ASP A 966 -52.66 -14.35 -4.15
C ASP A 966 -51.42 -13.87 -4.91
N ALA A 967 -50.59 -13.07 -4.25
CA ALA A 967 -49.43 -12.44 -4.89
C ALA A 967 -48.28 -13.43 -5.09
N VAL A 968 -47.87 -14.11 -4.01
CA VAL A 968 -46.82 -15.13 -4.11
C VAL A 968 -47.34 -16.43 -4.71
N ARG A 969 -48.65 -16.59 -4.72
CA ARG A 969 -49.31 -17.66 -5.45
C ARG A 969 -48.97 -17.52 -6.94
N MET A 970 -48.66 -16.29 -7.37
CA MET A 970 -48.09 -16.04 -8.69
C MET A 970 -46.84 -15.12 -8.67
N ARG A 971 -45.77 -15.59 -8.02
CA ARG A 971 -44.39 -15.05 -8.20
C ARG A 971 -43.31 -15.60 -7.24
N LEU A 972 -43.51 -16.80 -6.70
CA LEU A 972 -42.42 -17.49 -5.99
C LEU A 972 -41.30 -17.82 -6.99
N ARG A 973 -41.70 -18.04 -8.24
CA ARG A 973 -40.76 -18.32 -9.34
C ARG A 973 -39.53 -17.41 -9.37
N PRO A 974 -39.68 -16.09 -9.60
CA PRO A 974 -38.53 -15.19 -9.72
C PRO A 974 -37.74 -14.95 -8.42
N ILE A 975 -38.36 -15.15 -7.26
CA ILE A 975 -37.64 -15.02 -5.98
C ILE A 975 -36.59 -16.12 -5.83
N LEU A 976 -36.94 -17.33 -6.27
CA LEU A 976 -36.05 -18.48 -6.19
C LEU A 976 -35.30 -18.74 -7.50
N MET A 977 -35.59 -17.94 -8.53
CA MET A 977 -34.89 -18.02 -9.81
C MET A 977 -33.68 -17.10 -9.75
N THR A 978 -33.91 -15.88 -9.30
CA THR A 978 -32.85 -14.93 -8.97
C THR A 978 -31.92 -15.48 -7.89
N SER A 979 -32.47 -15.70 -6.70
CA SER A 979 -31.69 -16.08 -5.52
C SER A 979 -30.81 -17.31 -5.77
N LEU A 980 -31.37 -18.32 -6.41
CA LEU A 980 -30.60 -19.53 -6.73
C LEU A 980 -29.49 -19.23 -7.74
N ALA A 981 -29.81 -18.43 -8.75
CA ALA A 981 -28.84 -17.99 -9.75
C ALA A 981 -27.76 -17.07 -9.17
N PHE A 982 -28.09 -16.37 -8.09
CA PHE A 982 -27.16 -15.46 -7.41
C PHE A 982 -26.18 -16.27 -6.58
N ILE A 983 -26.73 -17.12 -5.71
CA ILE A 983 -25.93 -18.02 -4.86
C ILE A 983 -24.86 -18.76 -5.67
N LEU A 984 -25.24 -19.23 -6.85
CA LEU A 984 -24.36 -20.04 -7.70
C LEU A 984 -23.29 -19.21 -8.41
N GLY A 985 -23.61 -17.96 -8.75
CA GLY A 985 -22.64 -17.04 -9.31
C GLY A 985 -21.59 -16.62 -8.29
N VAL A 986 -22.01 -16.52 -7.03
CA VAL A 986 -21.11 -16.25 -5.90
C VAL A 986 -20.24 -17.47 -5.55
N MET A 987 -20.71 -18.66 -5.93
CA MET A 987 -20.04 -19.93 -5.58
C MET A 987 -18.53 -20.02 -5.87
N PRO A 988 -18.09 -19.65 -7.08
CA PRO A 988 -16.65 -19.68 -7.42
C PRO A 988 -15.71 -18.87 -6.52
N LEU A 989 -16.24 -17.91 -5.75
CA LEU A 989 -15.41 -17.04 -4.89
C LEU A 989 -15.29 -17.60 -3.48
N VAL A 990 -16.33 -18.27 -3.01
CA VAL A 990 -16.42 -18.73 -1.63
C VAL A 990 -15.44 -19.86 -1.40
N ILE A 991 -15.38 -20.79 -2.35
CA ILE A 991 -14.31 -21.78 -2.44
C ILE A 991 -13.94 -21.94 -3.92
N SER A 992 -13.55 -23.13 -4.38
CA SER A 992 -13.15 -23.35 -5.77
C SER A 992 -11.79 -22.72 -6.07
N THR A 993 -11.72 -21.39 -6.11
CA THR A 993 -10.45 -20.67 -6.08
C THR A 993 -10.01 -20.52 -4.62
N GLY A 994 -8.69 -20.47 -4.40
CA GLY A 994 -8.17 -20.34 -3.05
C GLY A 994 -6.68 -20.10 -2.96
N ALA A 995 -6.19 -19.14 -3.75
CA ALA A 995 -4.77 -18.76 -3.72
C ALA A 995 -4.44 -17.51 -4.54
N GLY A 996 -5.12 -17.32 -5.66
CA GLY A 996 -4.97 -16.12 -6.47
C GLY A 996 -5.37 -14.88 -5.68
N SER A 997 -6.65 -14.83 -5.29
CA SER A 997 -7.14 -13.79 -4.39
C SER A 997 -7.96 -14.43 -3.27
N GLY A 998 -7.39 -14.44 -2.07
CA GLY A 998 -8.13 -14.84 -0.87
C GLY A 998 -9.20 -13.84 -0.47
N ALA A 999 -9.19 -12.67 -1.11
CA ALA A 999 -10.26 -11.67 -0.94
C ALA A 999 -11.61 -12.22 -1.41
N GLN A 1000 -11.60 -13.06 -2.43
CA GLN A 1000 -12.81 -13.71 -2.94
C GLN A 1000 -13.60 -14.46 -1.87
N ASN A 1001 -12.88 -15.08 -0.93
CA ASN A 1001 -13.51 -15.78 0.19
C ASN A 1001 -14.23 -14.82 1.13
N ALA A 1002 -13.58 -13.69 1.43
CA ALA A 1002 -14.16 -12.66 2.31
C ALA A 1002 -15.49 -12.09 1.79
N VAL A 1003 -15.65 -12.04 0.48
CA VAL A 1003 -16.85 -11.47 -0.14
C VAL A 1003 -18.00 -12.48 -0.18
N GLY A 1004 -17.81 -13.56 -0.93
CA GLY A 1004 -18.85 -14.53 -1.19
C GLY A 1004 -19.37 -15.30 0.01
N THR A 1005 -18.53 -15.45 1.05
CA THR A 1005 -18.95 -16.09 2.30
C THR A 1005 -20.09 -15.33 2.98
N GLY A 1006 -20.03 -14.01 2.95
CA GLY A 1006 -21.03 -13.16 3.57
C GLY A 1006 -22.18 -12.73 2.66
N VAL A 1007 -22.48 -13.54 1.64
CA VAL A 1007 -23.64 -13.30 0.76
C VAL A 1007 -24.41 -14.60 0.50
N MET A 1008 -23.70 -15.72 0.34
CA MET A 1008 -24.31 -17.05 0.45
C MET A 1008 -25.01 -17.16 1.80
N GLY A 1009 -24.31 -16.69 2.84
CA GLY A 1009 -24.88 -16.59 4.17
C GLY A 1009 -26.15 -15.76 4.16
N GLY A 1010 -26.06 -14.56 3.59
CA GLY A 1010 -27.18 -13.63 3.52
C GLY A 1010 -28.02 -13.70 2.25
N MET A 1011 -28.12 -14.89 1.66
CA MET A 1011 -29.09 -15.16 0.59
C MET A 1011 -29.86 -16.46 0.88
N VAL A 1012 -29.16 -17.44 1.46
CA VAL A 1012 -29.80 -18.55 2.16
C VAL A 1012 -30.85 -18.03 3.13
N THR A 1013 -30.47 -17.04 3.95
CA THR A 1013 -31.34 -16.48 4.97
C THR A 1013 -32.03 -15.18 4.50
N ALA A 1014 -32.07 -14.96 3.18
CA ALA A 1014 -32.78 -13.84 2.59
C ALA A 1014 -33.87 -14.30 1.62
N THR A 1015 -34.09 -15.61 1.57
CA THR A 1015 -35.17 -16.20 0.78
C THR A 1015 -35.85 -17.30 1.60
N VAL A 1016 -35.06 -18.31 2.00
CA VAL A 1016 -35.56 -19.34 2.93
C VAL A 1016 -35.82 -18.69 4.31
N LEU A 1017 -36.88 -17.88 4.37
CA LEU A 1017 -37.18 -16.98 5.49
C LEU A 1017 -38.04 -15.82 4.99
N ALA A 1018 -37.52 -15.04 4.03
CA ALA A 1018 -38.23 -13.90 3.47
C ALA A 1018 -39.44 -14.33 2.65
N ILE A 1019 -39.33 -15.48 2.00
CA ILE A 1019 -40.43 -16.08 1.23
C ILE A 1019 -41.33 -16.93 2.15
N PHE A 1020 -41.25 -16.70 3.47
CA PHE A 1020 -41.60 -17.75 4.44
C PHE A 1020 -41.77 -17.24 5.88
N PHE A 1021 -41.87 -18.21 6.80
CA PHE A 1021 -41.71 -18.02 8.25
C PHE A 1021 -41.74 -16.59 8.80
N VAL A 1022 -40.67 -15.85 8.55
CA VAL A 1022 -40.44 -14.55 9.18
C VAL A 1022 -40.61 -13.46 8.11
N PRO A 1023 -41.06 -12.26 8.51
CA PRO A 1023 -41.81 -11.32 7.67
C PRO A 1023 -42.02 -11.55 6.15
N VAL A 1024 -42.23 -10.44 5.43
CA VAL A 1024 -42.56 -10.41 4.00
C VAL A 1024 -43.82 -11.21 3.65
N PHE A 1025 -44.90 -10.86 4.35
CA PHE A 1025 -46.22 -11.51 4.30
C PHE A 1025 -46.84 -11.06 5.62
N PHE A 1026 -46.49 -11.79 6.67
CA PHE A 1026 -46.48 -11.33 8.06
C PHE A 1026 -46.41 -9.82 8.28
N VAL A 1027 -45.40 -9.16 7.69
CA VAL A 1027 -45.28 -7.70 7.82
C VAL A 1027 -46.57 -7.00 7.37
N VAL A 1028 -46.80 -6.94 6.07
CA VAL A 1028 -47.88 -6.11 5.52
C VAL A 1028 -49.21 -6.33 6.25
N VAL A 1029 -49.44 -7.58 6.67
CA VAL A 1029 -50.61 -7.94 7.47
C VAL A 1029 -50.84 -6.99 8.64
N ARG A 1030 -49.91 -6.95 9.59
CA ARG A 1030 -50.09 -6.11 10.78
C ARG A 1030 -49.87 -4.61 10.54
N ARG A 1031 -49.00 -4.26 9.59
CA ARG A 1031 -48.55 -2.87 9.44
C ARG A 1031 -49.55 -2.07 8.61
N ARG A 1032 -49.92 -2.59 7.44
CA ARG A 1032 -50.99 -2.01 6.63
C ARG A 1032 -52.35 -2.22 7.29
N PHE A 1033 -52.71 -3.48 7.54
CA PHE A 1033 -54.01 -3.82 8.12
C PHE A 1033 -53.94 -3.66 9.66
N SER A 1034 -54.71 -4.51 10.40
CA SER A 1034 -54.79 -4.42 11.88
C SER A 1034 -55.31 -3.11 12.50
N ARG A 1035 -55.40 -2.02 11.72
CA ARG A 1035 -55.88 -0.73 12.23
C ARG A 1035 -56.19 0.22 11.06
N LYS A 1036 -55.30 1.18 10.77
CA LYS A 1036 -55.46 2.06 9.62
C LYS A 1036 -54.38 1.79 8.57
O2 CPF B . -8.18 14.01 -1.55
C3 CPF B . -8.64 13.08 -2.23
O1 CPF B . -8.04 11.97 -2.38
C2 CPF B . -9.98 13.28 -2.88
C1 CPF B . -10.57 14.50 -2.67
N1 CPF B . -11.77 14.86 -3.14
C10 CPF B . -12.52 13.95 -3.88
C9 CPF B . -13.79 14.30 -4.36
C8 CPF B . -14.57 13.41 -5.09
N2 CPF B . -15.85 13.73 -5.53
C17 CPF B . -16.41 15.01 -5.08
C16 CPF B . -17.91 15.03 -5.29
N3 CPF B . -18.23 14.75 -6.72
C15 CPF B . -17.68 13.46 -7.15
C14 CPF B . -16.18 13.46 -6.94
C7 CPF B . -14.02 12.11 -5.29
F1 CPF B . -14.75 11.17 -5.93
C6 CPF B . -12.78 11.76 -4.84
C5 CPF B . -11.99 12.67 -4.11
C4 CPF B . -10.67 12.30 -3.63
O3 CPF B . -10.23 11.13 -3.90
C11 CPF B . -12.34 16.17 -2.86
C12 CPF B . -12.31 17.21 -3.94
C13 CPF B . -11.44 17.36 -2.73
O2 CPF C . 9.17 -6.41 17.49
C3 CPF C . 9.12 -6.37 16.25
O1 CPF C . 10.09 -5.94 15.54
C2 CPF C . 7.88 -6.89 15.56
C1 CPF C . 6.89 -7.35 16.39
N1 CPF C . 5.73 -7.87 15.98
C10 CPF C . 5.49 -8.00 14.61
C9 CPF C . 4.29 -8.55 14.15
C8 CPF C . 4.02 -8.71 12.80
N2 CPF C . 2.85 -9.31 12.34
C17 CPF C . 1.96 -9.91 13.34
C16 CPF C . 0.98 -10.86 12.69
N3 CPF C . 0.22 -10.15 11.63
C15 CPF C . 1.13 -9.57 10.61
C14 CPF C . 2.09 -8.62 11.28
C7 CPF C . 5.05 -8.29 11.91
F1 CPF C . 4.88 -8.49 10.58
C6 CPF C . 6.21 -7.74 12.33
C5 CPF C . 6.47 -7.57 13.71
C4 CPF C . 7.72 -6.97 14.17
O3 CPF C . 8.55 -6.57 13.29
C11 CPF C . 4.73 -8.35 16.92
C12 CPF C . 3.53 -7.50 17.18
C13 CPF C . 4.57 -7.67 18.24
#